data_6SEI
#
_entry.id   6SEI
#
_cell.length_a   60.075
_cell.length_b   92.700
_cell.length_c   93.251
_cell.angle_alpha   90.000
_cell.angle_beta   91.603
_cell.angle_gamma   90.000
#
_symmetry.space_group_name_H-M   'P 1 21 1'
#
loop_
_entity.id
_entity.type
_entity.pdbx_description
1 polymer 'Structure-specific endonuclease subunit SLX1'
2 polymer 'Structure-specific endonuclease subunit SLX4'
3 polymer 'DNA (32-MER)'
4 non-polymer 'ZINC ION'
5 non-polymer 'CALCIUM ION'
6 water water
#
loop_
_entity_poly.entity_id
_entity_poly.type
_entity_poly.pdbx_seq_one_letter_code
_entity_poly.pdbx_strand_id
1 'polypeptide(L)'
;MTVQCKPIPALYTVYVLRSTVRHASLYIGSTPNPPRRLKQHNGLVPGGAARTSRSSLRPWEMVALVSGFPSMVAALKFQW
ALTNPHLSVHIPSASRLTVATQTKANGRPQRPPRSLASVVANLHLLLRVPSFARWPLRVHFFRRDVFAAWEKWCAAASER
LRPSLAVVTDFEGGSEGLAGAVVGGEEGRERGEGAPCWGIHALPLDYEPIKDYVAKGQEIFEFERQGACVVCREEMASGD
GLQALCTNQGCDGVGHLSCWSRHFLKGAEADSILPVQGQCPKCGGEMEWGNMMKELTLRTRGQKEVEKLLKRKRRRATKK
TANA
;
A,C
2 'polypeptide(L)'
;MEDTETSLVASPTDQQVSLFRYITQAVVTAPRAKDPANPSWHEKMLMYDPIILEDLTAWLNSGQLDRVGYDGEVAPGDVK
KWCESKSVCCLWRVSLNGKERKRF
;
B,D
3 'polydeoxyribonucleotide'
;(DC)(DA)(DA)(DT)(DC)(DG)(DG)(DC)(DA)(DA)(DT)(DG)(DA)(DC)(DC)(DT)(DT)(DT)(DG)(DG)
(DT)(DC)(DA)(DT)(DT)(DC)(DA)(DG)(DC)(DA)(DG)(DA)(DT)
;
E
#
loop_
_chem_comp.id
_chem_comp.type
_chem_comp.name
_chem_comp.formula
CA non-polymer 'CALCIUM ION' 'Ca 2'
DA DNA linking 2'-DEOXYADENOSINE-5'-MONOPHOSPHATE 'C10 H14 N5 O6 P'
DC DNA linking 2'-DEOXYCYTIDINE-5'-MONOPHOSPHATE 'C9 H14 N3 O7 P'
DG DNA linking 2'-DEOXYGUANOSINE-5'-MONOPHOSPHATE 'C10 H14 N5 O7 P'
DT DNA linking THYMIDINE-5'-MONOPHOSPHATE 'C10 H15 N2 O8 P'
ZN non-polymer 'ZINC ION' 'Zn 2'
#
# COMPACT_ATOMS: atom_id res chain seq x y z
N GLN A 4 -18.24 16.38 -40.84
CA GLN A 4 -18.70 15.09 -41.32
C GLN A 4 -19.98 15.21 -42.13
N CYS A 5 -20.75 14.12 -42.16
CA CYS A 5 -21.99 14.08 -42.93
C CYS A 5 -23.12 13.52 -42.08
N LYS A 6 -22.79 12.55 -41.19
CA LYS A 6 -23.71 11.80 -40.34
C LYS A 6 -23.89 12.48 -38.98
N PRO A 7 -25.05 12.33 -38.36
CA PRO A 7 -25.27 12.94 -37.05
C PRO A 7 -24.51 12.19 -35.95
N ILE A 8 -24.51 12.79 -34.77
CA ILE A 8 -23.88 12.16 -33.60
C ILE A 8 -24.61 10.85 -33.31
N PRO A 9 -23.89 9.74 -33.07
CA PRO A 9 -24.56 8.45 -32.91
C PRO A 9 -25.41 8.41 -31.66
N ALA A 10 -26.44 7.57 -31.70
CA ALA A 10 -27.26 7.34 -30.52
C ALA A 10 -26.41 6.81 -29.38
N LEU A 11 -25.70 5.71 -29.63
CA LEU A 11 -24.83 5.07 -28.66
C LEU A 11 -23.56 4.64 -29.35
N TYR A 12 -22.41 5.05 -28.82
CA TYR A 12 -21.13 4.48 -29.20
C TYR A 12 -20.26 4.38 -27.97
N THR A 13 -19.74 3.17 -27.72
CA THR A 13 -19.12 2.85 -26.44
C THR A 13 -17.72 2.30 -26.66
N VAL A 14 -16.92 2.37 -25.59
CA VAL A 14 -15.67 1.64 -25.46
C VAL A 14 -15.78 0.79 -24.19
N TYR A 15 -15.64 -0.52 -24.35
CA TYR A 15 -15.98 -1.43 -23.26
C TYR A 15 -14.76 -2.20 -22.79
N VAL A 16 -14.94 -2.86 -21.63
CA VAL A 16 -13.92 -3.68 -21.00
C VAL A 16 -14.50 -5.07 -20.85
N LEU A 17 -14.03 -6.00 -21.68
CA LEU A 17 -14.53 -7.37 -21.68
C LEU A 17 -13.70 -8.22 -20.72
N ARG A 18 -14.39 -9.09 -19.98
CA ARG A 18 -13.74 -9.97 -19.01
C ARG A 18 -14.35 -11.36 -19.10
N SER A 19 -13.51 -12.38 -19.00
CA SER A 19 -13.98 -13.76 -18.99
C SER A 19 -14.56 -14.13 -17.63
N THR A 20 -15.67 -14.87 -17.64
CA THR A 20 -16.23 -15.40 -16.41
C THR A 20 -15.52 -16.68 -15.94
N VAL A 21 -14.73 -17.31 -16.80
CA VAL A 21 -13.97 -18.49 -16.40
C VAL A 21 -12.64 -18.10 -15.78
N ARG A 22 -11.96 -17.11 -16.36
CA ARG A 22 -10.73 -16.54 -15.81
C ARG A 22 -10.88 -15.04 -15.77
N HIS A 23 -10.92 -14.48 -14.56
CA HIS A 23 -11.03 -13.03 -14.43
C HIS A 23 -9.77 -12.30 -14.88
N ALA A 24 -8.65 -13.02 -15.03
CA ALA A 24 -7.42 -12.38 -15.47
C ALA A 24 -7.44 -12.05 -16.96
N SER A 25 -8.27 -12.73 -17.74
CA SER A 25 -8.35 -12.48 -19.17
C SER A 25 -9.26 -11.29 -19.43
N LEU A 26 -8.70 -10.22 -20.00
CA LEU A 26 -9.43 -9.03 -20.32
C LEU A 26 -9.31 -8.72 -21.81
N TYR A 27 -10.13 -7.76 -22.26
CA TYR A 27 -10.19 -7.36 -23.66
C TYR A 27 -10.91 -6.01 -23.74
N ILE A 28 -10.47 -5.19 -24.70
CA ILE A 28 -10.96 -3.83 -24.86
C ILE A 28 -11.55 -3.70 -26.27
N GLY A 29 -12.77 -3.18 -26.36
CA GLY A 29 -13.38 -3.03 -27.66
C GLY A 29 -14.26 -1.80 -27.71
N SER A 30 -14.75 -1.51 -28.91
CA SER A 30 -15.72 -0.45 -29.11
C SER A 30 -16.85 -0.97 -29.97
N THR A 31 -18.05 -0.49 -29.70
CA THR A 31 -19.24 -0.92 -30.43
C THR A 31 -20.35 0.08 -30.21
N PRO A 32 -21.24 0.26 -31.19
CA PRO A 32 -22.49 0.99 -30.94
C PRO A 32 -23.61 0.10 -30.42
N ASN A 33 -23.39 -1.21 -30.37
CA ASN A 33 -24.40 -2.18 -29.95
C ASN A 33 -23.74 -3.14 -28.97
N PRO A 34 -23.61 -2.74 -27.71
CA PRO A 34 -23.00 -3.62 -26.71
C PRO A 34 -23.64 -5.00 -26.65
N PRO A 35 -24.99 -5.10 -26.67
CA PRO A 35 -25.59 -6.46 -26.60
C PRO A 35 -25.22 -7.35 -27.77
N ARG A 36 -25.22 -6.82 -29.00
CA ARG A 36 -24.88 -7.64 -30.15
C ARG A 36 -23.41 -8.03 -30.14
N ARG A 37 -22.54 -7.12 -29.71
CA ARG A 37 -21.11 -7.42 -29.69
C ARG A 37 -20.76 -8.47 -28.64
N LEU A 38 -21.48 -8.49 -27.52
CA LEU A 38 -21.28 -9.56 -26.55
C LEU A 38 -21.63 -10.91 -27.14
N LYS A 39 -22.78 -10.99 -27.84
CA LYS A 39 -23.16 -12.23 -28.50
C LYS A 39 -22.13 -12.66 -29.54
N GLN A 40 -21.41 -11.69 -30.13
CA GLN A 40 -20.35 -12.04 -31.07
C GLN A 40 -19.16 -12.64 -30.34
N HIS A 41 -18.77 -12.04 -29.21
CA HIS A 41 -17.67 -12.58 -28.42
C HIS A 41 -17.93 -14.01 -27.99
N ASN A 42 -19.19 -14.32 -27.64
CA ASN A 42 -19.53 -15.61 -27.06
C ASN A 42 -19.97 -16.65 -28.09
N GLY A 43 -19.93 -16.32 -29.38
CA GLY A 43 -20.15 -17.32 -30.41
C GLY A 43 -21.59 -17.63 -30.75
N LEU A 44 -22.53 -16.79 -30.33
CA LEU A 44 -23.92 -16.95 -30.73
C LEU A 44 -24.26 -16.17 -31.98
N VAL A 45 -23.33 -15.37 -32.49
CA VAL A 45 -23.54 -14.51 -33.65
C VAL A 45 -22.22 -14.41 -34.40
N PRO A 46 -22.22 -14.47 -35.73
CA PRO A 46 -20.96 -14.42 -36.47
C PRO A 46 -20.38 -13.01 -36.51
N GLY A 47 -19.05 -12.92 -36.33
CA GLY A 47 -18.33 -11.67 -36.45
C GLY A 47 -17.38 -11.38 -35.30
N GLY A 48 -17.09 -12.38 -34.47
CA GLY A 48 -16.35 -12.16 -33.25
C GLY A 48 -14.85 -12.05 -33.45
N ALA A 49 -14.17 -11.80 -32.32
CA ALA A 49 -12.73 -11.60 -32.32
C ALA A 49 -11.99 -12.94 -32.25
N ALA A 50 -10.69 -12.89 -32.48
CA ALA A 50 -9.83 -14.07 -32.43
C ALA A 50 -9.32 -14.37 -31.03
N ARG A 51 -8.96 -13.34 -30.26
CA ARG A 51 -8.59 -13.54 -28.87
C ARG A 51 -9.75 -14.13 -28.07
N THR A 52 -10.98 -13.78 -28.43
CA THR A 52 -12.17 -14.25 -27.75
C THR A 52 -12.74 -15.53 -28.35
N SER A 53 -11.98 -16.20 -29.23
CA SER A 53 -12.46 -17.40 -29.90
C SER A 53 -12.32 -18.66 -29.04
N ARG A 54 -11.40 -18.67 -28.08
CA ARG A 54 -11.26 -19.79 -27.16
C ARG A 54 -12.55 -20.02 -26.37
N SER A 55 -13.21 -21.16 -26.63
CA SER A 55 -14.44 -21.51 -25.93
C SER A 55 -14.17 -21.91 -24.49
N SER A 56 -12.92 -22.21 -24.16
CA SER A 56 -12.54 -22.39 -22.76
C SER A 56 -12.72 -21.10 -21.97
N LEU A 57 -12.41 -19.96 -22.60
CA LEU A 57 -12.54 -18.67 -21.93
C LEU A 57 -13.98 -18.16 -21.90
N ARG A 58 -14.84 -18.62 -22.81
CA ARG A 58 -16.23 -18.21 -22.83
C ARG A 58 -16.98 -18.80 -21.64
N PRO A 59 -18.08 -18.16 -21.20
CA PRO A 59 -18.69 -16.92 -21.71
C PRO A 59 -17.94 -15.67 -21.28
N TRP A 60 -17.93 -14.66 -22.14
CA TRP A 60 -17.36 -13.36 -21.78
C TRP A 60 -18.46 -12.47 -21.19
N GLU A 61 -18.03 -11.34 -20.63
CA GLU A 61 -18.95 -10.36 -20.09
C GLU A 61 -18.32 -8.98 -20.21
N MET A 62 -19.18 -7.97 -20.29
CA MET A 62 -18.74 -6.58 -20.31
C MET A 62 -18.89 -6.02 -18.91
N VAL A 63 -17.77 -5.85 -18.21
CA VAL A 63 -17.80 -5.43 -16.81
C VAL A 63 -17.91 -3.92 -16.66
N ALA A 64 -17.49 -3.16 -17.66
CA ALA A 64 -17.54 -1.70 -17.60
C ALA A 64 -17.41 -1.17 -19.02
N LEU A 65 -17.90 0.05 -19.22
CA LEU A 65 -17.76 0.69 -20.53
C LEU A 65 -17.88 2.20 -20.39
N VAL A 66 -17.35 2.88 -21.39
CA VAL A 66 -17.46 4.34 -21.49
C VAL A 66 -18.34 4.65 -22.70
N SER A 67 -19.39 5.42 -22.45
CA SER A 67 -20.37 5.77 -23.47
C SER A 67 -20.37 7.28 -23.68
N GLY A 68 -21.20 7.72 -24.63
CA GLY A 68 -21.31 9.12 -24.95
C GLY A 68 -20.35 9.65 -25.99
N PHE A 69 -19.71 8.76 -26.76
CA PHE A 69 -18.74 9.22 -27.76
C PHE A 69 -19.47 9.93 -28.90
N PRO A 70 -19.06 11.15 -29.26
CA PRO A 70 -19.79 11.87 -30.31
C PRO A 70 -19.44 11.43 -31.72
N SER A 71 -18.36 10.69 -31.91
CA SER A 71 -17.98 10.14 -33.21
C SER A 71 -17.68 8.66 -33.05
N MET A 72 -17.78 7.92 -34.15
CA MET A 72 -17.14 6.60 -34.17
C MET A 72 -15.62 6.75 -34.14
N VAL A 73 -15.10 7.80 -34.79
CA VAL A 73 -13.67 8.11 -34.73
C VAL A 73 -13.24 8.36 -33.29
N ALA A 74 -14.05 9.10 -32.53
CA ALA A 74 -13.72 9.41 -31.15
C ALA A 74 -13.62 8.15 -30.31
N ALA A 75 -14.50 7.18 -30.55
CA ALA A 75 -14.42 5.92 -29.84
C ALA A 75 -13.19 5.14 -30.26
N LEU A 76 -12.92 5.08 -31.56
CA LEU A 76 -11.75 4.32 -32.03
C LEU A 76 -10.45 4.91 -31.52
N LYS A 77 -10.41 6.22 -31.31
CA LYS A 77 -9.21 6.85 -30.74
C LYS A 77 -9.06 6.50 -29.27
N PHE A 78 -10.13 6.70 -28.48
CA PHE A 78 -10.10 6.36 -27.07
C PHE A 78 -9.85 4.87 -26.86
N GLN A 79 -10.40 4.03 -27.75
CA GLN A 79 -10.19 2.59 -27.64
C GLN A 79 -8.74 2.21 -27.90
N TRP A 80 -8.07 2.90 -28.82
CA TRP A 80 -6.67 2.61 -29.08
C TRP A 80 -5.79 3.06 -27.93
N ALA A 81 -6.13 4.18 -27.28
CA ALA A 81 -5.35 4.67 -26.14
C ALA A 81 -5.50 3.74 -24.94
N LEU A 82 -6.72 3.25 -24.70
CA LEU A 82 -6.95 2.32 -23.59
C LEU A 82 -6.35 0.95 -23.87
N THR A 83 -6.21 0.58 -25.14
CA THR A 83 -5.65 -0.72 -25.48
C THR A 83 -4.13 -0.72 -25.36
N ASN A 84 -3.47 0.34 -25.77
CA ASN A 84 -2.01 0.44 -25.75
C ASN A 84 -1.57 1.64 -24.92
N PRO A 85 -1.68 1.56 -23.58
CA PRO A 85 -1.27 2.70 -22.75
C PRO A 85 0.22 2.98 -22.83
N HIS A 86 1.03 2.00 -23.22
CA HIS A 86 2.47 2.17 -23.32
C HIS A 86 2.90 2.86 -24.62
N LEU A 87 2.01 2.94 -25.61
CA LEU A 87 2.28 3.67 -26.83
C LEU A 87 1.57 5.02 -26.89
N SER A 88 0.57 5.23 -26.05
CA SER A 88 -0.33 6.38 -26.16
C SER A 88 0.29 7.58 -25.47
N VAL A 89 0.70 8.58 -26.24
CA VAL A 89 1.23 9.82 -25.70
C VAL A 89 0.06 10.71 -25.30
N HIS A 90 0.04 11.12 -24.03
CA HIS A 90 -1.03 11.95 -23.50
C HIS A 90 -0.68 13.43 -23.46
N ILE A 91 0.57 13.79 -23.77
CA ILE A 91 0.91 15.18 -24.03
C ILE A 91 0.48 15.53 -25.45
N PRO A 92 -0.18 16.68 -25.68
CA PRO A 92 -0.52 17.08 -27.06
C PRO A 92 0.64 16.90 -28.01
N SER A 93 0.45 16.07 -29.03
CA SER A 93 1.55 15.47 -29.78
C SER A 93 1.45 15.79 -31.26
N ALA A 94 2.60 16.09 -31.87
CA ALA A 94 2.71 16.29 -33.31
C ALA A 94 3.23 15.00 -33.91
N SER A 95 2.33 14.02 -34.04
CA SER A 95 2.70 12.67 -34.43
C SER A 95 1.70 12.12 -35.43
N ARG A 96 2.09 11.00 -36.06
CA ARG A 96 1.26 10.32 -37.05
C ARG A 96 1.66 8.86 -37.19
N ARG A 108 -8.56 -3.20 -30.07
CA ARG A 108 -8.36 -4.65 -30.07
C ARG A 108 -7.08 -5.02 -29.32
N PRO A 109 -7.22 -5.66 -28.16
CA PRO A 109 -6.06 -6.23 -27.48
C PRO A 109 -5.73 -7.61 -28.02
N GLN A 110 -4.85 -7.69 -29.01
CA GLN A 110 -4.17 -8.95 -29.25
C GLN A 110 -3.22 -9.25 -28.11
N ARG A 111 -2.64 -8.21 -27.51
CA ARG A 111 -2.02 -8.32 -26.19
C ARG A 111 -3.05 -7.95 -25.14
N PRO A 112 -3.46 -8.88 -24.27
CA PRO A 112 -4.44 -8.53 -23.25
C PRO A 112 -3.82 -7.55 -22.24
N PRO A 113 -4.66 -6.72 -21.63
CA PRO A 113 -4.13 -5.83 -20.58
C PRO A 113 -3.61 -6.64 -19.39
N ARG A 114 -2.63 -6.06 -18.71
CA ARG A 114 -1.94 -6.77 -17.63
C ARG A 114 -2.91 -7.26 -16.56
N SER A 115 -3.70 -6.35 -15.98
CA SER A 115 -4.64 -6.72 -14.93
C SER A 115 -5.78 -5.72 -14.92
N LEU A 116 -6.80 -6.05 -14.12
CA LEU A 116 -7.93 -5.12 -13.96
C LEU A 116 -7.49 -3.83 -13.30
N ALA A 117 -6.56 -3.91 -12.35
CA ALA A 117 -6.04 -2.70 -11.72
C ALA A 117 -5.37 -1.78 -12.74
N SER A 118 -4.68 -2.35 -13.73
CA SER A 118 -4.04 -1.54 -14.76
C SER A 118 -5.05 -0.93 -15.73
N VAL A 119 -6.14 -1.65 -16.02
CA VAL A 119 -7.22 -1.08 -16.82
C VAL A 119 -7.90 0.07 -16.06
N VAL A 120 -8.25 -0.18 -14.79
CA VAL A 120 -8.85 0.84 -13.95
C VAL A 120 -7.96 2.08 -13.89
N ALA A 121 -6.65 1.87 -13.74
CA ALA A 121 -5.73 2.99 -13.57
C ALA A 121 -5.56 3.78 -14.85
N ASN A 122 -5.50 3.09 -16.00
CA ASN A 122 -5.31 3.76 -17.28
CA ASN A 122 -5.30 3.79 -17.25
C ASN A 122 -6.59 4.41 -17.78
N LEU A 123 -7.74 3.75 -17.56
CA LEU A 123 -9.01 4.38 -17.89
C LEU A 123 -9.17 5.69 -17.12
N HIS A 124 -8.83 5.66 -15.82
CA HIS A 124 -8.87 6.86 -15.01
C HIS A 124 -7.98 7.95 -15.58
N LEU A 125 -6.81 7.59 -16.11
CA LEU A 125 -5.94 8.59 -16.71
C LEU A 125 -6.51 9.15 -18.01
N LEU A 126 -7.05 8.27 -18.87
CA LEU A 126 -7.53 8.71 -20.17
C LEU A 126 -8.66 9.72 -20.06
N LEU A 127 -9.44 9.65 -18.98
CA LEU A 127 -10.53 10.58 -18.78
C LEU A 127 -10.08 11.96 -18.34
N ARG A 128 -8.81 12.10 -17.95
CA ARG A 128 -8.31 13.36 -17.41
C ARG A 128 -7.37 14.11 -18.35
N VAL A 129 -6.95 13.50 -19.45
CA VAL A 129 -5.93 14.10 -20.32
C VAL A 129 -6.58 15.03 -21.35
N PRO A 130 -5.85 16.01 -21.87
CA PRO A 130 -6.49 17.06 -22.70
C PRO A 130 -7.26 16.55 -23.90
N SER A 131 -6.79 15.48 -24.54
CA SER A 131 -7.41 15.05 -25.80
C SER A 131 -8.82 14.50 -25.57
N PHE A 132 -9.08 13.98 -24.35
CA PHE A 132 -10.36 13.39 -24.03
C PHE A 132 -11.09 14.03 -22.85
N ALA A 133 -10.51 15.09 -22.25
CA ALA A 133 -11.04 15.57 -20.98
C ALA A 133 -12.46 16.10 -21.11
N ARG A 134 -12.72 16.93 -22.13
CA ARG A 134 -13.99 17.62 -22.25
C ARG A 134 -14.96 16.93 -23.20
N TRP A 135 -14.74 15.65 -23.49
CA TRP A 135 -15.67 14.89 -24.30
C TRP A 135 -16.91 14.54 -23.48
N PRO A 136 -18.10 14.53 -24.08
CA PRO A 136 -19.33 14.28 -23.32
C PRO A 136 -19.50 12.82 -22.94
N LEU A 137 -18.59 12.31 -22.11
CA LEU A 137 -18.51 10.89 -21.81
C LEU A 137 -19.24 10.55 -20.52
N ARG A 138 -19.40 9.25 -20.29
CA ARG A 138 -20.09 8.73 -19.12
C ARG A 138 -19.59 7.33 -18.86
N VAL A 139 -19.21 7.03 -17.63
CA VAL A 139 -18.62 5.74 -17.26
C VAL A 139 -19.68 4.87 -16.60
N HIS A 140 -19.80 3.64 -17.06
CA HIS A 140 -20.76 2.66 -16.55
C HIS A 140 -20.02 1.50 -15.92
N PHE A 141 -20.55 1.00 -14.81
CA PHE A 141 -20.00 -0.13 -14.08
C PHE A 141 -21.11 -1.14 -13.81
N PHE A 142 -20.86 -2.41 -14.16
CA PHE A 142 -21.88 -3.44 -14.07
C PHE A 142 -21.52 -4.56 -13.11
N ARG A 143 -20.30 -4.58 -12.57
CA ARG A 143 -19.90 -5.57 -11.57
C ARG A 143 -19.37 -4.86 -10.34
N ARG A 144 -19.76 -5.36 -9.17
CA ARG A 144 -19.36 -4.72 -7.92
C ARG A 144 -17.85 -4.74 -7.74
N ASP A 145 -17.19 -5.83 -8.14
CA ASP A 145 -15.76 -5.94 -7.87
C ASP A 145 -14.93 -5.08 -8.81
N VAL A 146 -15.37 -4.92 -10.06
CA VAL A 146 -14.69 -3.98 -10.95
C VAL A 146 -14.93 -2.55 -10.50
N PHE A 147 -16.14 -2.25 -10.02
CA PHE A 147 -16.43 -0.92 -9.50
C PHE A 147 -15.64 -0.61 -8.23
N ALA A 148 -15.32 -1.64 -7.45
CA ALA A 148 -14.55 -1.42 -6.23
C ALA A 148 -13.08 -1.16 -6.55
N ALA A 149 -12.53 -1.88 -7.52
CA ALA A 149 -11.17 -1.59 -7.97
C ALA A 149 -11.06 -0.16 -8.48
N TRP A 150 -12.09 0.31 -9.18
CA TRP A 150 -12.11 1.68 -9.68
C TRP A 150 -12.13 2.68 -8.52
N GLU A 151 -13.01 2.47 -7.54
CA GLU A 151 -13.10 3.38 -6.41
C GLU A 151 -11.84 3.33 -5.57
N LYS A 152 -11.23 2.16 -5.44
CA LYS A 152 -9.97 2.04 -4.72
C LYS A 152 -8.90 2.91 -5.36
N TRP A 153 -8.90 3.02 -6.69
CA TRP A 153 -7.93 3.85 -7.38
C TRP A 153 -8.26 5.33 -7.24
N CYS A 154 -9.54 5.68 -7.42
CA CYS A 154 -9.94 7.08 -7.29
C CYS A 154 -9.65 7.62 -5.89
N ALA A 155 -9.78 6.77 -4.87
CA ALA A 155 -9.52 7.21 -3.50
C ALA A 155 -8.05 7.56 -3.31
N ALA A 156 -7.16 6.69 -3.80
CA ALA A 156 -5.73 6.95 -3.65
C ALA A 156 -5.29 8.16 -4.47
N ALA A 157 -5.81 8.29 -5.68
CA ALA A 157 -5.40 9.38 -6.56
C ALA A 157 -5.84 10.73 -6.01
N SER A 158 -4.95 11.72 -6.12
CA SER A 158 -5.27 13.07 -5.69
C SER A 158 -5.94 13.90 -6.76
N GLU A 159 -5.77 13.54 -8.04
CA GLU A 159 -6.42 14.23 -9.14
C GLU A 159 -7.83 13.67 -9.30
N ARG A 160 -8.84 14.50 -9.03
CA ARG A 160 -10.22 14.10 -9.17
C ARG A 160 -10.66 14.17 -10.62
N LEU A 161 -11.56 13.28 -11.00
CA LEU A 161 -12.27 13.46 -12.26
C LEU A 161 -13.18 14.67 -12.14
N ARG A 162 -13.43 15.32 -13.28
CA ARG A 162 -14.30 16.48 -13.27
C ARG A 162 -15.68 16.09 -12.76
N PRO A 163 -16.28 16.87 -11.87
CA PRO A 163 -17.66 16.58 -11.44
C PRO A 163 -18.63 16.48 -12.60
N SER A 164 -18.36 17.22 -13.68
CA SER A 164 -19.22 17.18 -14.86
C SER A 164 -19.34 15.78 -15.45
N LEU A 165 -18.35 14.91 -15.22
CA LEU A 165 -18.34 13.58 -15.81
C LEU A 165 -19.00 12.58 -14.88
N ALA A 166 -19.99 11.87 -15.39
CA ALA A 166 -20.80 10.96 -14.59
C ALA A 166 -20.22 9.55 -14.58
N VAL A 167 -20.20 8.95 -13.39
CA VAL A 167 -19.79 7.56 -13.20
C VAL A 167 -20.98 6.85 -12.56
N VAL A 168 -21.65 6.00 -13.33
CA VAL A 168 -22.88 5.35 -12.90
C VAL A 168 -22.65 3.86 -12.75
N THR A 169 -23.54 3.21 -12.01
CA THR A 169 -23.52 1.77 -11.82
C THR A 169 -24.85 1.17 -12.26
N ASP A 170 -24.82 -0.14 -12.51
CA ASP A 170 -26.03 -0.92 -12.77
C ASP A 170 -25.77 -2.38 -12.43
N PHE A 171 -25.80 -2.71 -11.15
CA PHE A 171 -25.58 -4.08 -10.70
C PHE A 171 -26.87 -4.88 -10.79
N GLU A 172 -26.73 -6.19 -10.93
CA GLU A 172 -27.88 -7.06 -11.15
C GLU A 172 -28.76 -7.14 -9.91
N GLY A 173 -30.08 -7.05 -10.12
CA GLY A 173 -31.07 -7.13 -9.05
C GLY A 173 -31.21 -5.81 -8.29
N GLY A 174 -31.96 -5.87 -7.20
CA GLY A 174 -31.91 -4.81 -6.20
C GLY A 174 -33.24 -4.12 -5.97
N SER A 175 -33.16 -3.01 -5.23
CA SER A 175 -34.28 -2.17 -4.80
C SER A 175 -35.13 -2.87 -3.75
N PRO A 196 -35.78 -8.29 -15.07
CA PRO A 196 -35.62 -7.09 -15.89
C PRO A 196 -34.33 -7.09 -16.69
N CYS A 197 -34.26 -6.23 -17.71
CA CYS A 197 -33.03 -6.05 -18.47
C CYS A 197 -32.11 -5.09 -17.72
N TRP A 198 -30.92 -5.56 -17.37
CA TRP A 198 -29.94 -4.78 -16.64
C TRP A 198 -28.64 -4.71 -17.43
N GLY A 199 -27.67 -3.98 -16.88
CA GLY A 199 -26.34 -3.96 -17.47
C GLY A 199 -26.34 -3.35 -18.85
N ILE A 200 -25.71 -4.04 -19.79
CA ILE A 200 -25.64 -3.54 -21.16
C ILE A 200 -26.98 -3.67 -21.86
N HIS A 201 -27.81 -4.63 -21.45
CA HIS A 201 -29.12 -4.80 -22.06
C HIS A 201 -30.12 -3.75 -21.64
N ALA A 202 -29.78 -2.91 -20.66
CA ALA A 202 -30.58 -1.76 -20.31
C ALA A 202 -30.15 -0.49 -21.03
N LEU A 203 -29.00 -0.51 -21.70
CA LEU A 203 -28.54 0.66 -22.44
C LEU A 203 -29.35 0.82 -23.72
N PRO A 204 -29.96 1.98 -23.95
CA PRO A 204 -30.75 2.17 -25.17
C PRO A 204 -29.87 2.27 -26.40
N LEU A 205 -30.27 1.59 -27.47
CA LEU A 205 -29.48 1.51 -28.68
C LEU A 205 -29.84 2.58 -29.72
N ASP A 206 -30.91 3.34 -29.48
CA ASP A 206 -31.37 4.32 -30.47
C ASP A 206 -31.56 5.66 -29.77
N TYR A 207 -32.35 6.54 -30.39
CA TYR A 207 -32.51 7.91 -29.94
C TYR A 207 -33.73 8.11 -29.05
N GLU A 208 -34.42 7.03 -28.66
CA GLU A 208 -35.63 7.10 -27.83
C GLU A 208 -35.45 7.88 -26.53
N PRO A 209 -34.29 7.84 -25.87
CA PRO A 209 -34.12 8.66 -24.66
C PRO A 209 -34.32 10.16 -24.87
N ILE A 210 -34.13 10.68 -26.08
CA ILE A 210 -34.30 12.11 -26.33
C ILE A 210 -35.51 12.38 -27.21
N LYS A 211 -36.49 11.46 -27.23
CA LYS A 211 -37.60 11.56 -28.19
C LYS A 211 -38.42 12.84 -28.00
N ASP A 212 -38.72 13.20 -26.74
CA ASP A 212 -39.49 14.42 -26.49
C ASP A 212 -38.73 15.65 -26.96
N TYR A 213 -37.45 15.75 -26.58
CA TYR A 213 -36.60 16.84 -26.98
C TYR A 213 -36.54 16.97 -28.50
N VAL A 214 -36.43 15.84 -29.20
CA VAL A 214 -36.41 15.89 -30.67
C VAL A 214 -37.78 16.31 -31.20
N ALA A 215 -38.85 15.82 -30.58
CA ALA A 215 -40.19 16.25 -31.00
C ALA A 215 -40.42 17.73 -30.71
N LYS A 216 -39.86 18.24 -29.61
CA LYS A 216 -39.97 19.66 -29.31
C LYS A 216 -39.27 20.51 -30.37
N GLY A 217 -38.12 20.03 -30.86
CA GLY A 217 -37.39 20.78 -31.87
C GLY A 217 -38.12 20.84 -33.20
N GLN A 218 -38.70 19.72 -33.62
CA GLN A 218 -39.39 19.69 -34.90
C GLN A 218 -40.58 20.64 -34.90
N GLU A 219 -41.43 20.58 -33.86
CA GLU A 219 -42.55 21.49 -33.76
CA GLU A 219 -42.55 21.49 -33.77
C GLU A 219 -42.09 22.94 -33.73
N ILE A 220 -40.99 23.21 -33.04
CA ILE A 220 -40.48 24.58 -32.91
C ILE A 220 -40.08 25.11 -34.28
N PHE A 221 -39.28 24.33 -35.02
CA PHE A 221 -38.71 24.83 -36.27
C PHE A 221 -39.61 24.60 -37.48
N GLU A 222 -40.41 23.52 -37.49
CA GLU A 222 -41.36 23.31 -38.58
C GLU A 222 -42.37 24.45 -38.65
N PHE A 223 -42.63 25.12 -37.52
CA PHE A 223 -43.62 26.19 -37.46
C PHE A 223 -42.98 27.53 -37.08
N GLU A 224 -41.65 27.63 -37.16
CA GLU A 224 -40.94 28.90 -37.07
C GLU A 224 -41.19 29.60 -35.73
N ARG A 225 -41.03 28.85 -34.64
CA ARG A 225 -41.24 29.37 -33.30
C ARG A 225 -39.94 29.60 -32.54
N GLN A 226 -38.80 29.63 -33.24
CA GLN A 226 -37.51 29.78 -32.57
C GLN A 226 -37.25 31.22 -32.14
N GLY A 227 -37.93 32.20 -32.74
CA GLY A 227 -37.84 33.56 -32.24
C GLY A 227 -36.45 34.13 -32.44
N ALA A 228 -35.86 34.61 -31.35
CA ALA A 228 -34.54 35.24 -31.39
C ALA A 228 -33.60 34.55 -30.41
N CYS A 229 -32.31 34.65 -30.71
CA CYS A 229 -31.28 34.00 -29.91
C CYS A 229 -31.30 34.50 -28.47
N VAL A 230 -31.39 33.56 -27.54
CA VAL A 230 -31.47 33.88 -26.13
C VAL A 230 -30.22 34.56 -25.60
N VAL A 231 -29.12 34.52 -26.36
CA VAL A 231 -27.87 35.12 -25.93
C VAL A 231 -27.69 36.50 -26.55
N CYS A 232 -27.61 36.57 -27.89
CA CYS A 232 -27.27 37.81 -28.59
C CYS A 232 -28.50 38.67 -28.92
N ARG A 233 -29.71 38.17 -28.69
CA ARG A 233 -30.98 38.87 -28.90
C ARG A 233 -31.30 39.15 -30.37
N GLU A 234 -30.61 38.50 -31.30
CA GLU A 234 -30.84 38.74 -32.73
C GLU A 234 -31.85 37.73 -33.27
N GLU A 235 -32.78 38.23 -34.08
CA GLU A 235 -33.76 37.37 -34.73
C GLU A 235 -33.06 36.26 -35.52
N MET A 236 -33.70 35.09 -35.56
CA MET A 236 -33.14 33.92 -36.25
C MET A 236 -34.17 33.43 -37.27
N ALA A 237 -34.03 33.89 -38.51
CA ALA A 237 -34.88 33.42 -39.58
C ALA A 237 -34.63 31.94 -39.84
N SER A 238 -35.68 31.25 -40.29
CA SER A 238 -35.56 29.84 -40.62
C SER A 238 -34.51 29.63 -41.71
N GLY A 239 -33.51 28.79 -41.42
CA GLY A 239 -32.47 28.47 -42.37
C GLY A 239 -31.21 29.31 -42.26
N ASP A 240 -31.11 30.18 -41.26
CA ASP A 240 -29.98 31.10 -41.11
C ASP A 240 -29.01 30.54 -40.08
N GLY A 241 -28.08 29.71 -40.55
CA GLY A 241 -27.06 29.15 -39.69
C GLY A 241 -27.58 28.05 -38.79
N LEU A 242 -26.70 27.61 -37.89
CA LEU A 242 -27.02 26.54 -36.96
C LEU A 242 -27.64 27.15 -35.70
N GLN A 243 -28.80 26.63 -35.31
CA GLN A 243 -29.55 27.15 -34.19
C GLN A 243 -29.78 26.00 -33.20
N ALA A 244 -29.17 26.11 -32.03
CA ALA A 244 -29.22 25.06 -31.02
C ALA A 244 -30.33 25.36 -30.01
N LEU A 245 -30.90 24.29 -29.45
CA LEU A 245 -32.12 24.34 -28.67
C LEU A 245 -31.85 23.86 -27.25
N CYS A 246 -32.43 24.57 -26.28
CA CYS A 246 -32.28 24.17 -24.88
C CYS A 246 -32.85 22.77 -24.68
N THR A 247 -32.14 21.96 -23.88
CA THR A 247 -32.48 20.55 -23.72
C THR A 247 -33.60 20.30 -22.72
N ASN A 248 -33.96 21.28 -21.92
CA ASN A 248 -34.94 21.08 -20.86
C ASN A 248 -36.36 21.04 -21.42
N GLN A 249 -37.17 20.15 -20.87
CA GLN A 249 -38.52 19.93 -21.38
C GLN A 249 -39.36 21.20 -21.24
N GLY A 250 -40.12 21.51 -22.29
CA GLY A 250 -41.04 22.63 -22.27
C GLY A 250 -40.44 24.00 -22.42
N CYS A 251 -39.12 24.11 -22.57
CA CYS A 251 -38.46 25.39 -22.72
C CYS A 251 -38.11 25.67 -24.17
N ASP A 252 -38.26 26.94 -24.56
CA ASP A 252 -38.18 27.39 -25.95
C ASP A 252 -36.78 27.75 -26.42
N GLY A 253 -35.87 28.04 -25.51
CA GLY A 253 -34.59 28.66 -25.83
C GLY A 253 -33.84 28.14 -27.05
N VAL A 254 -33.81 28.94 -28.11
CA VAL A 254 -33.00 28.68 -29.29
C VAL A 254 -31.94 29.77 -29.39
N GLY A 255 -30.72 29.38 -29.79
CA GLY A 255 -29.64 30.32 -29.89
C GLY A 255 -28.72 29.97 -31.06
N HIS A 256 -27.91 30.96 -31.43
CA HIS A 256 -26.86 30.69 -32.41
C HIS A 256 -25.83 29.76 -31.79
N LEU A 257 -25.41 28.75 -32.57
CA LEU A 257 -24.54 27.71 -32.02
C LEU A 257 -23.33 28.29 -31.32
N SER A 258 -22.67 29.25 -31.98
CA SER A 258 -21.51 29.90 -31.39
C SER A 258 -21.87 30.95 -30.33
N CYS A 259 -23.14 31.29 -30.18
CA CYS A 259 -23.50 32.13 -29.03
C CYS A 259 -23.68 31.26 -27.78
N TRP A 260 -24.35 30.10 -27.92
CA TRP A 260 -24.48 29.17 -26.80
C TRP A 260 -23.13 28.86 -26.18
N SER A 261 -22.15 28.50 -27.04
CA SER A 261 -20.84 28.08 -26.55
C SER A 261 -20.12 29.21 -25.83
N ARG A 262 -20.12 30.41 -26.43
CA ARG A 262 -19.56 31.58 -25.77
C ARG A 262 -20.25 31.86 -24.44
N HIS A 263 -21.55 31.59 -24.36
CA HIS A 263 -22.27 31.75 -23.10
C HIS A 263 -21.87 30.66 -22.11
N PHE A 264 -21.85 29.41 -22.55
CA PHE A 264 -21.43 28.31 -21.68
C PHE A 264 -20.04 28.53 -21.14
N LEU A 265 -19.11 28.92 -22.01
CA LEU A 265 -17.70 29.07 -21.66
C LEU A 265 -17.40 30.40 -20.99
N LYS A 266 -18.39 31.27 -20.81
CA LYS A 266 -18.20 32.58 -20.22
C LYS A 266 -17.59 32.50 -18.82
N GLU A 269 -14.32 28.98 -17.70
CA GLU A 269 -13.11 28.18 -17.95
C GLU A 269 -11.96 29.07 -18.40
N ALA A 270 -10.94 28.46 -19.00
CA ALA A 270 -9.75 29.19 -19.43
C ALA A 270 -9.23 28.57 -20.73
N ASP A 271 -9.26 29.37 -21.80
CA ASP A 271 -8.73 29.09 -23.15
C ASP A 271 -9.66 28.21 -23.99
N SER A 272 -10.75 27.71 -23.45
CA SER A 272 -11.38 26.50 -23.97
C SER A 272 -12.12 26.74 -25.28
N ILE A 273 -12.36 25.64 -25.99
CA ILE A 273 -13.17 25.62 -27.21
C ILE A 273 -14.47 24.86 -26.97
N LEU A 274 -14.39 23.70 -26.33
CA LEU A 274 -15.53 22.80 -26.20
C LEU A 274 -16.27 23.06 -24.90
N PRO A 275 -17.52 23.53 -24.94
CA PRO A 275 -18.30 23.61 -23.71
C PRO A 275 -18.58 22.22 -23.16
N VAL A 276 -18.88 22.16 -21.87
CA VAL A 276 -19.17 20.88 -21.22
C VAL A 276 -20.55 20.98 -20.59
N GLN A 277 -20.71 21.93 -19.68
CA GLN A 277 -21.93 22.12 -18.93
C GLN A 277 -22.29 23.60 -18.92
N GLY A 278 -23.59 23.89 -18.96
CA GLY A 278 -24.04 25.26 -19.03
C GLY A 278 -25.42 25.43 -18.43
N GLN A 279 -25.92 26.66 -18.50
CA GLN A 279 -27.22 27.04 -17.97
C GLN A 279 -27.95 27.86 -19.01
N CYS A 280 -29.23 27.54 -19.24
CA CYS A 280 -30.04 28.25 -20.22
C CYS A 280 -30.41 29.64 -19.69
N PRO A 281 -30.19 30.71 -20.46
CA PRO A 281 -30.54 32.04 -19.98
C PRO A 281 -32.05 32.29 -19.89
N LYS A 282 -32.88 31.43 -20.48
CA LYS A 282 -34.32 31.63 -20.48
C LYS A 282 -35.00 30.89 -19.34
N CYS A 283 -34.78 29.57 -19.24
CA CYS A 283 -35.40 28.75 -18.21
C CYS A 283 -34.50 28.51 -17.02
N GLY A 284 -33.22 28.86 -17.10
CA GLY A 284 -32.30 28.64 -16.00
C GLY A 284 -31.93 27.20 -15.75
N GLY A 285 -32.31 26.29 -16.64
CA GLY A 285 -32.02 24.88 -16.44
C GLY A 285 -30.62 24.51 -16.89
N GLU A 286 -29.98 23.63 -16.12
CA GLU A 286 -28.64 23.16 -16.45
C GLU A 286 -28.68 22.26 -17.68
N MET A 287 -27.65 22.38 -18.51
CA MET A 287 -27.56 21.64 -19.75
C MET A 287 -26.17 21.02 -19.91
N GLU A 288 -26.11 19.91 -20.64
CA GLU A 288 -24.87 19.35 -21.10
C GLU A 288 -24.70 19.66 -22.58
N TRP A 289 -23.51 20.13 -22.95
CA TRP A 289 -23.25 20.52 -24.33
C TRP A 289 -23.40 19.33 -25.29
N GLY A 290 -23.05 18.12 -24.82
CA GLY A 290 -23.16 16.96 -25.69
C GLY A 290 -24.58 16.63 -26.06
N ASN A 291 -25.51 16.76 -25.10
CA ASN A 291 -26.92 16.47 -25.38
C ASN A 291 -27.50 17.45 -26.39
N MET A 292 -27.13 18.72 -26.28
CA MET A 292 -27.66 19.72 -27.20
C MET A 292 -27.15 19.47 -28.63
N MET A 293 -25.87 19.15 -28.77
CA MET A 293 -25.32 18.87 -30.10
C MET A 293 -25.93 17.61 -30.70
N LYS A 294 -26.34 16.66 -29.87
CA LYS A 294 -26.97 15.45 -30.40
C LYS A 294 -28.28 15.79 -31.09
N GLU A 295 -29.05 16.74 -30.53
CA GLU A 295 -30.27 17.17 -31.20
C GLU A 295 -29.97 18.06 -32.40
N LEU A 296 -28.96 18.93 -32.28
CA LEU A 296 -28.60 19.80 -33.39
C LEU A 296 -28.24 18.98 -34.62
N THR A 297 -27.33 18.02 -34.46
CA THR A 297 -26.89 17.21 -35.60
C THR A 297 -27.99 16.27 -36.08
N LEU A 298 -28.92 15.89 -35.21
CA LEU A 298 -30.07 15.11 -35.64
C LEU A 298 -30.97 15.94 -36.55
N ARG A 299 -31.35 17.14 -36.08
CA ARG A 299 -32.20 18.03 -36.87
C ARG A 299 -31.52 18.45 -38.16
N THR A 300 -30.21 18.64 -38.12
CA THR A 300 -29.48 19.21 -39.24
C THR A 300 -29.02 18.16 -40.25
N ARG A 301 -28.41 17.07 -39.77
CA ARG A 301 -27.85 16.07 -40.66
C ARG A 301 -28.59 14.73 -40.63
N GLY A 302 -29.42 14.48 -39.63
CA GLY A 302 -30.07 13.19 -39.52
C GLY A 302 -31.57 13.25 -39.66
N GLN A 303 -32.06 13.87 -40.74
CA GLN A 303 -33.49 14.13 -40.87
C GLN A 303 -34.33 12.87 -41.02
N LYS A 304 -33.74 11.75 -41.44
CA LYS A 304 -34.52 10.55 -41.67
C LYS A 304 -34.48 9.58 -40.50
N GLU A 305 -33.47 9.70 -39.65
CA GLU A 305 -33.57 9.06 -38.35
C GLU A 305 -34.54 9.81 -37.45
N VAL A 306 -34.75 11.10 -37.71
CA VAL A 306 -35.79 11.85 -37.00
C VAL A 306 -37.16 11.28 -37.32
N GLU A 307 -37.47 11.12 -38.61
CA GLU A 307 -38.78 10.63 -39.01
C GLU A 307 -39.03 9.21 -38.52
N LYS A 308 -37.98 8.39 -38.42
CA LYS A 308 -38.16 7.05 -37.88
C LYS A 308 -38.38 7.09 -36.37
N LEU A 309 -37.70 8.03 -35.69
CA LEU A 309 -37.87 8.18 -34.25
C LEU A 309 -39.26 8.68 -33.90
N LEU A 310 -39.78 9.63 -34.68
CA LEU A 310 -41.13 10.13 -34.49
C LEU A 310 -42.17 9.34 -35.27
N LYS A 311 -41.74 8.37 -36.08
CA LYS A 311 -42.63 7.53 -36.89
C LYS A 311 -43.51 8.38 -37.79
N ARG A 312 -42.98 9.51 -38.25
CA ARG A 312 -43.73 10.44 -39.08
C ARG A 312 -43.37 10.31 -40.56
N ALA B 10 10.84 33.99 -26.53
CA ALA B 10 12.06 33.73 -25.78
C ALA B 10 12.06 32.30 -25.23
N SER B 11 10.88 31.71 -25.18
CA SER B 11 10.69 30.41 -24.56
C SER B 11 10.01 29.45 -25.53
N PRO B 12 10.34 28.16 -25.48
CA PRO B 12 9.66 27.19 -26.35
C PRO B 12 8.33 26.70 -25.81
N THR B 13 8.11 26.78 -24.49
CA THR B 13 6.80 26.46 -23.94
C THR B 13 5.85 27.65 -24.02
N ASP B 14 6.39 28.87 -24.00
CA ASP B 14 5.58 30.08 -24.06
C ASP B 14 5.24 30.48 -25.49
N GLN B 15 6.17 30.30 -26.43
CA GLN B 15 5.86 30.59 -27.83
C GLN B 15 4.83 29.62 -28.38
N GLN B 16 4.84 28.37 -27.91
CA GLN B 16 3.79 27.44 -28.29
C GLN B 16 2.45 27.81 -27.66
N VAL B 17 2.48 28.50 -26.52
CA VAL B 17 1.25 29.01 -25.93
C VAL B 17 0.74 30.21 -26.72
N SER B 18 1.66 31.09 -27.16
CA SER B 18 1.25 32.26 -27.93
C SER B 18 0.79 31.85 -29.34
N LEU B 19 1.44 30.84 -29.92
CA LEU B 19 0.99 30.34 -31.21
C LEU B 19 -0.43 29.79 -31.13
N PHE B 20 -0.73 29.07 -30.05
CA PHE B 20 -2.06 28.48 -29.90
C PHE B 20 -3.12 29.55 -29.67
N ARG B 21 -2.74 30.70 -29.10
CA ARG B 21 -3.69 31.80 -28.96
C ARG B 21 -4.05 32.39 -30.31
N TYR B 22 -3.09 32.45 -31.23
CA TYR B 22 -3.37 32.92 -32.59
C TYR B 22 -4.26 31.96 -33.34
N ILE B 23 -4.06 30.65 -33.15
CA ILE B 23 -4.93 29.67 -33.80
C ILE B 23 -6.33 29.75 -33.24
N THR B 24 -6.45 29.84 -31.91
CA THR B 24 -7.76 29.95 -31.29
C THR B 24 -8.52 31.16 -31.82
N GLN B 25 -7.89 32.34 -31.78
CA GLN B 25 -8.56 33.53 -32.24
C GLN B 25 -8.93 33.43 -33.72
N ALA B 26 -8.06 32.81 -34.53
CA ALA B 26 -8.36 32.64 -35.94
C ALA B 26 -9.63 31.81 -36.14
N VAL B 27 -9.71 30.66 -35.46
CA VAL B 27 -10.88 29.81 -35.56
C VAL B 27 -12.11 30.53 -35.01
N VAL B 28 -11.97 31.11 -33.82
CA VAL B 28 -13.13 31.57 -33.05
C VAL B 28 -13.79 32.79 -33.69
N THR B 29 -13.01 33.69 -34.27
CA THR B 29 -13.53 34.96 -34.76
C THR B 29 -13.93 34.93 -36.23
N ALA B 30 -13.77 33.81 -36.91
CA ALA B 30 -14.25 33.72 -38.27
C ALA B 30 -15.78 33.81 -38.30
N PRO B 31 -16.36 34.37 -39.37
CA PRO B 31 -17.82 34.46 -39.44
C PRO B 31 -18.48 33.08 -39.42
N ARG B 32 -19.69 33.05 -38.87
CA ARG B 32 -20.40 31.80 -38.68
C ARG B 32 -21.11 31.38 -39.97
N ALA B 33 -21.51 30.11 -40.01
CA ALA B 33 -22.16 29.56 -41.21
C ALA B 33 -23.51 30.21 -41.43
N LYS B 34 -23.77 30.61 -42.67
CA LYS B 34 -25.11 31.00 -43.08
C LYS B 34 -25.92 29.81 -43.56
N ASP B 35 -25.25 28.80 -44.10
CA ASP B 35 -25.88 27.55 -44.49
C ASP B 35 -25.52 26.49 -43.45
N PRO B 36 -26.48 26.03 -42.64
CA PRO B 36 -26.14 25.06 -41.58
C PRO B 36 -25.51 23.78 -42.11
N ALA B 37 -25.71 23.45 -43.38
CA ALA B 37 -25.03 22.32 -43.99
C ALA B 37 -23.54 22.56 -44.20
N ASN B 38 -23.08 23.80 -44.05
CA ASN B 38 -21.69 24.17 -44.29
C ASN B 38 -21.17 24.96 -43.11
N PRO B 39 -20.94 24.30 -41.97
CA PRO B 39 -20.49 25.01 -40.77
C PRO B 39 -19.05 25.46 -40.88
N SER B 40 -18.73 26.53 -40.16
CA SER B 40 -17.35 26.98 -40.05
C SER B 40 -16.53 25.96 -39.26
N TRP B 41 -15.21 26.10 -39.33
CA TRP B 41 -14.33 25.20 -38.57
C TRP B 41 -14.65 25.24 -37.09
N HIS B 42 -14.98 26.43 -36.57
CA HIS B 42 -15.36 26.54 -35.16
C HIS B 42 -16.63 25.76 -34.87
N GLU B 43 -17.62 25.83 -35.77
CA GLU B 43 -18.87 25.13 -35.54
C GLU B 43 -18.72 23.63 -35.75
N LYS B 44 -17.75 23.22 -36.58
CA LYS B 44 -17.46 21.79 -36.69
C LYS B 44 -16.92 21.24 -35.38
N MET B 45 -16.05 21.99 -34.72
CA MET B 45 -15.50 21.55 -33.44
C MET B 45 -16.58 21.49 -32.37
N LEU B 46 -17.43 22.51 -32.31
CA LEU B 46 -18.50 22.53 -31.31
C LEU B 46 -19.45 21.35 -31.48
N MET B 47 -19.62 20.87 -32.70
CA MET B 47 -20.47 19.71 -32.97
C MET B 47 -19.69 18.40 -32.98
N TYR B 48 -18.42 18.43 -32.57
CA TYR B 48 -17.56 17.24 -32.50
C TYR B 48 -17.35 16.61 -33.88
N ASP B 49 -17.36 17.41 -34.95
CA ASP B 49 -16.90 16.89 -36.23
C ASP B 49 -15.44 16.48 -36.10
N PRO B 50 -15.07 15.24 -36.43
CA PRO B 50 -13.65 14.88 -36.46
C PRO B 50 -12.90 15.76 -37.46
N ILE B 51 -11.88 16.45 -36.97
CA ILE B 51 -11.21 17.51 -37.70
C ILE B 51 -10.09 16.92 -38.55
N ILE B 52 -10.26 16.98 -39.87
CA ILE B 52 -9.17 16.57 -40.75
C ILE B 52 -8.09 17.64 -40.70
N LEU B 53 -6.89 17.25 -40.25
CA LEU B 53 -5.87 18.22 -39.87
C LEU B 53 -5.39 19.03 -41.05
N GLU B 54 -4.99 18.38 -42.15
CA GLU B 54 -4.47 19.11 -43.29
C GLU B 54 -5.50 20.05 -43.89
N ASP B 55 -6.78 19.83 -43.62
CA ASP B 55 -7.82 20.76 -44.06
C ASP B 55 -7.82 22.02 -43.21
N LEU B 56 -7.90 21.87 -41.89
CA LEU B 56 -7.81 23.05 -41.02
C LEU B 56 -6.44 23.69 -41.12
N THR B 57 -5.39 22.87 -41.26
CA THR B 57 -4.04 23.40 -41.44
C THR B 57 -3.96 24.32 -42.64
N ALA B 58 -4.47 23.87 -43.78
CA ALA B 58 -4.43 24.68 -44.99
C ALA B 58 -5.27 25.95 -44.82
N TRP B 59 -6.40 25.85 -44.11
CA TRP B 59 -7.28 27.00 -43.93
C TRP B 59 -6.62 28.09 -43.10
N LEU B 60 -5.86 27.70 -42.07
CA LEU B 60 -5.21 28.70 -41.22
C LEU B 60 -4.11 29.44 -41.96
N ASN B 61 -3.41 28.77 -42.87
CA ASN B 61 -2.31 29.38 -43.62
C ASN B 61 -2.78 30.09 -44.89
N SER B 62 -4.08 30.10 -45.16
CA SER B 62 -4.64 30.75 -46.34
C SER B 62 -5.18 32.14 -46.03
N GLY B 63 -4.57 32.84 -45.07
CA GLY B 63 -4.97 34.19 -44.70
C GLY B 63 -5.48 34.34 -43.29
N GLN B 64 -5.80 33.24 -42.60
CA GLN B 64 -6.44 33.35 -41.29
C GLN B 64 -5.47 33.82 -40.22
N LEU B 65 -4.29 33.19 -40.13
CA LEU B 65 -3.29 33.61 -39.15
C LEU B 65 -2.85 35.05 -39.42
N ASP B 66 -2.68 35.39 -40.70
CA ASP B 66 -2.36 36.76 -41.07
C ASP B 66 -3.46 37.72 -40.65
N ARG B 67 -4.71 37.27 -40.74
CA ARG B 67 -5.85 38.11 -40.34
C ARG B 67 -5.77 38.50 -38.87
N VAL B 68 -5.48 37.54 -38.01
CA VAL B 68 -5.46 37.76 -36.57
C VAL B 68 -4.06 38.13 -36.10
N GLY B 69 -3.21 38.58 -37.03
CA GLY B 69 -1.96 39.21 -36.68
C GLY B 69 -0.77 38.29 -36.50
N TYR B 70 -0.76 37.13 -37.15
CA TYR B 70 0.36 36.20 -37.06
C TYR B 70 0.93 35.96 -38.46
N ASP B 71 2.07 36.58 -38.74
CA ASP B 71 2.83 36.28 -39.95
C ASP B 71 3.68 35.05 -39.70
N GLY B 72 3.51 34.04 -40.53
CA GLY B 72 4.17 32.76 -40.36
C GLY B 72 3.23 31.62 -40.70
N GLU B 73 3.81 30.47 -40.97
CA GLU B 73 3.05 29.29 -41.38
C GLU B 73 2.93 28.32 -40.22
N VAL B 74 1.79 27.65 -40.15
CA VAL B 74 1.51 26.66 -39.11
C VAL B 74 1.73 25.27 -39.70
N ALA B 75 2.31 24.39 -38.90
CA ALA B 75 2.55 23.03 -39.36
C ALA B 75 1.44 22.11 -38.88
N PRO B 76 1.04 21.12 -39.69
CA PRO B 76 -0.10 20.27 -39.29
C PRO B 76 0.08 19.62 -37.93
N GLY B 77 1.31 19.28 -37.55
CA GLY B 77 1.54 18.74 -36.22
C GLY B 77 1.28 19.75 -35.12
N ASP B 78 1.63 21.01 -35.37
CA ASP B 78 1.30 22.08 -34.43
C ASP B 78 -0.21 22.24 -34.30
N VAL B 79 -0.92 22.16 -35.42
CA VAL B 79 -2.39 22.18 -35.40
C VAL B 79 -2.91 20.94 -34.70
N LYS B 80 -2.20 19.81 -34.82
CA LYS B 80 -2.62 18.61 -34.10
C LYS B 80 -2.42 18.76 -32.60
N LYS B 81 -1.26 19.28 -32.18
CA LYS B 81 -1.04 19.60 -30.78
C LYS B 81 -2.15 20.49 -30.23
N TRP B 82 -2.52 21.53 -31.00
CA TRP B 82 -3.55 22.47 -30.56
C TRP B 82 -4.88 21.77 -30.33
N CYS B 83 -5.29 20.93 -31.27
CA CYS B 83 -6.57 20.23 -31.14
C CYS B 83 -6.58 19.35 -29.90
N GLU B 84 -5.51 18.57 -29.69
CA GLU B 84 -5.45 17.69 -28.55
C GLU B 84 -5.45 18.47 -27.24
N SER B 85 -4.80 19.63 -27.23
CA SER B 85 -4.87 20.48 -26.05
C SER B 85 -6.28 21.02 -25.81
N LYS B 86 -7.11 21.07 -26.85
CA LYS B 86 -8.46 21.63 -26.75
C LYS B 86 -9.55 20.58 -26.65
N SER B 87 -9.20 19.29 -26.54
CA SER B 87 -10.11 18.16 -26.61
C SER B 87 -10.81 18.06 -27.97
N VAL B 88 -10.37 18.83 -28.95
CA VAL B 88 -10.94 18.78 -30.29
C VAL B 88 -10.40 17.52 -30.98
N CYS B 89 -11.32 16.63 -31.37
CA CYS B 89 -10.98 15.38 -32.01
C CYS B 89 -10.55 15.60 -33.44
N CYS B 90 -9.39 15.06 -33.82
CA CYS B 90 -8.83 15.27 -35.14
C CYS B 90 -8.28 13.97 -35.70
N LEU B 91 -7.90 14.01 -36.98
CA LEU B 91 -7.33 12.85 -37.65
C LEU B 91 -6.49 13.31 -38.84
N TRP B 92 -5.59 12.42 -39.27
CA TRP B 92 -4.83 12.63 -40.50
C TRP B 92 -5.61 12.08 -41.67
N ARG B 93 -5.56 12.78 -42.80
CA ARG B 93 -6.26 12.34 -44.00
C ARG B 93 -5.53 11.16 -44.65
N GLN C 4 19.54 -18.39 42.07
CA GLN C 4 18.96 -19.54 41.37
C GLN C 4 20.01 -20.62 41.15
N CYS C 5 19.60 -21.88 41.22
CA CYS C 5 20.53 -23.00 41.28
C CYS C 5 21.15 -23.34 39.92
N LYS C 6 20.46 -23.02 38.81
CA LYS C 6 20.84 -23.47 37.47
C LYS C 6 21.66 -22.41 36.75
N PRO C 7 22.57 -22.83 35.86
CA PRO C 7 23.25 -21.87 34.99
C PRO C 7 22.39 -21.48 33.80
N ILE C 8 22.82 -20.43 33.11
CA ILE C 8 22.12 -19.98 31.90
C ILE C 8 22.12 -21.13 30.88
N PRO C 9 20.95 -21.50 30.34
CA PRO C 9 20.88 -22.72 29.52
C PRO C 9 21.73 -22.62 28.27
N ALA C 10 22.20 -23.78 27.81
CA ALA C 10 22.92 -23.84 26.54
C ALA C 10 22.11 -23.20 25.43
N LEU C 11 20.91 -23.74 25.18
CA LEU C 11 20.01 -23.24 24.15
C LEU C 11 18.61 -23.18 24.71
N TYR C 12 17.93 -22.05 24.49
CA TYR C 12 16.50 -21.99 24.75
C TYR C 12 15.86 -21.05 23.73
N THR C 13 14.78 -21.51 23.11
CA THR C 13 14.23 -20.86 21.93
C THR C 13 12.73 -20.62 22.07
N VAL C 14 12.27 -19.56 21.41
CA VAL C 14 10.86 -19.39 21.07
C VAL C 14 10.77 -19.47 19.55
N TYR C 15 9.93 -20.37 19.05
CA TYR C 15 9.93 -20.72 17.64
C TYR C 15 8.58 -20.44 16.99
N VAL C 16 8.62 -20.27 15.66
CA VAL C 16 7.43 -20.08 14.85
C VAL C 16 7.26 -21.34 14.01
N LEU C 17 6.29 -22.16 14.37
CA LEU C 17 6.01 -23.40 13.67
C LEU C 17 4.96 -23.15 12.59
N ARG C 18 5.13 -23.80 11.45
CA ARG C 18 4.19 -23.63 10.34
C ARG C 18 3.97 -24.97 9.66
N SER C 19 2.73 -25.22 9.25
CA SER C 19 2.41 -26.41 8.48
C SER C 19 3.05 -26.34 7.10
N THR C 20 3.65 -27.44 6.68
CA THR C 20 4.12 -27.57 5.30
C THR C 20 3.00 -27.91 4.34
N VAL C 21 1.79 -28.14 4.84
CA VAL C 21 0.64 -28.48 4.02
C VAL C 21 -0.26 -27.28 3.80
N ARG C 22 -0.65 -26.60 4.87
CA ARG C 22 -1.35 -25.33 4.80
C ARG C 22 -0.43 -24.28 5.41
N HIS C 23 0.18 -23.45 4.56
CA HIS C 23 1.07 -22.41 5.05
C HIS C 23 0.36 -21.41 5.95
N ALA C 24 -0.95 -21.28 5.82
CA ALA C 24 -1.69 -20.33 6.65
C ALA C 24 -1.82 -20.79 8.10
N SER C 25 -1.43 -22.02 8.42
CA SER C 25 -1.55 -22.56 9.77
C SER C 25 -0.23 -22.39 10.50
N LEU C 26 -0.25 -21.64 11.60
CA LEU C 26 0.94 -21.33 12.38
C LEU C 26 0.72 -21.70 13.84
N TYR C 27 1.81 -21.65 14.61
CA TYR C 27 1.81 -22.04 16.02
C TYR C 27 3.09 -21.55 16.65
N ILE C 28 2.99 -21.00 17.86
CA ILE C 28 4.12 -20.45 18.58
C ILE C 28 4.40 -21.32 19.80
N GLY C 29 5.67 -21.65 20.01
CA GLY C 29 6.05 -22.47 21.14
C GLY C 29 7.44 -22.12 21.64
N SER C 30 7.89 -22.89 22.63
CA SER C 30 9.23 -22.74 23.17
C SER C 30 9.81 -24.11 23.46
N THR C 31 11.13 -24.22 23.32
CA THR C 31 11.84 -25.45 23.61
C THR C 31 13.34 -25.20 23.69
N PRO C 32 14.07 -25.93 24.54
CA PRO C 32 15.53 -25.90 24.47
C PRO C 32 16.09 -26.86 23.44
N ASN C 33 15.24 -27.70 22.85
CA ASN C 33 15.66 -28.75 21.91
C ASN C 33 14.75 -28.64 20.69
N PRO C 34 15.05 -27.72 19.78
CA PRO C 34 14.19 -27.52 18.60
C PRO C 34 13.98 -28.79 17.79
N PRO C 35 15.03 -29.58 17.50
CA PRO C 35 14.78 -30.80 16.71
C PRO C 35 13.87 -31.81 17.40
N ARG C 36 14.08 -32.07 18.69
CA ARG C 36 13.24 -33.03 19.40
C ARG C 36 11.78 -32.58 19.43
N ARG C 37 11.55 -31.30 19.71
CA ARG C 37 10.18 -30.80 19.82
C ARG C 37 9.47 -30.84 18.47
N LEU C 38 10.19 -30.55 17.39
CA LEU C 38 9.59 -30.66 16.06
C LEU C 38 9.13 -32.09 15.78
N LYS C 39 9.93 -33.07 16.20
CA LYS C 39 9.51 -34.47 16.08
C LYS C 39 8.25 -34.74 16.90
N GLN C 40 8.10 -34.06 18.05
CA GLN C 40 6.89 -34.21 18.84
C GLN C 40 5.68 -33.68 18.09
N HIS C 41 5.84 -32.54 17.41
CA HIS C 41 4.75 -31.99 16.62
C HIS C 41 4.38 -32.89 15.45
N ASN C 42 5.34 -33.61 14.89
CA ASN C 42 5.12 -34.46 13.73
C ASN C 42 4.73 -35.89 14.09
N GLY C 43 4.53 -36.17 15.38
CA GLY C 43 4.02 -37.46 15.81
C GLY C 43 5.02 -38.58 15.92
N LEU C 44 6.30 -38.34 15.60
CA LEU C 44 7.31 -39.38 15.71
C LEU C 44 7.77 -39.61 17.15
N VAL C 45 7.44 -38.70 18.06
CA VAL C 45 7.81 -38.81 19.47
C VAL C 45 6.60 -38.35 20.29
N PRO C 46 6.25 -39.05 21.37
CA PRO C 46 5.09 -38.63 22.16
C PRO C 46 5.32 -37.30 22.85
N GLY C 47 4.26 -36.48 22.91
CA GLY C 47 4.31 -35.24 23.66
C GLY C 47 3.95 -33.99 22.89
N GLY C 48 3.48 -34.14 21.65
CA GLY C 48 3.16 -32.98 20.84
C GLY C 48 1.90 -32.27 21.30
N ALA C 49 1.80 -31.00 20.93
CA ALA C 49 0.68 -30.16 21.34
C ALA C 49 -0.61 -30.63 20.68
N ALA C 50 -1.73 -30.03 21.12
CA ALA C 50 -3.04 -30.42 20.60
C ALA C 50 -3.32 -29.79 19.26
N ARG C 51 -2.89 -28.53 19.06
CA ARG C 51 -3.11 -27.86 17.79
C ARG C 51 -2.41 -28.59 16.64
N THR C 52 -1.18 -29.03 16.88
CA THR C 52 -0.38 -29.70 15.86
C THR C 52 -0.71 -31.18 15.73
N SER C 53 -1.63 -31.70 16.54
CA SER C 53 -1.95 -33.13 16.51
C SER C 53 -2.64 -33.52 15.21
N ARG C 54 -3.29 -32.56 14.55
CA ARG C 54 -4.13 -32.85 13.40
C ARG C 54 -3.33 -33.52 12.28
N SER C 55 -3.83 -34.66 11.83
CA SER C 55 -3.12 -35.46 10.82
C SER C 55 -2.96 -34.69 9.52
N SER C 56 -4.03 -34.04 9.06
CA SER C 56 -4.01 -33.36 7.77
C SER C 56 -3.06 -32.16 7.74
N LEU C 57 -2.53 -31.73 8.89
CA LEU C 57 -1.60 -30.61 8.92
C LEU C 57 -0.14 -31.04 8.99
N ARG C 58 0.13 -32.28 9.37
CA ARG C 58 1.51 -32.75 9.44
C ARG C 58 2.05 -33.00 8.03
N PRO C 59 3.37 -32.77 7.82
CA PRO C 59 4.34 -32.36 8.84
C PRO C 59 4.46 -30.84 9.01
N TRP C 60 4.90 -30.43 10.20
CA TRP C 60 5.20 -29.04 10.47
C TRP C 60 6.68 -28.74 10.22
N GLU C 61 7.01 -27.46 10.18
CA GLU C 61 8.38 -27.00 10.03
C GLU C 61 8.58 -25.78 10.92
N MET C 62 9.82 -25.58 11.35
CA MET C 62 10.18 -24.40 12.13
C MET C 62 10.80 -23.40 11.16
N VAL C 63 10.01 -22.38 10.80
CA VAL C 63 10.46 -21.41 9.81
C VAL C 63 11.32 -20.31 10.40
N ALA C 64 11.27 -20.12 11.72
CA ALA C 64 12.02 -19.06 12.38
C ALA C 64 11.98 -19.30 13.87
N LEU C 65 12.98 -18.77 14.58
CA LEU C 65 12.99 -18.87 16.03
C LEU C 65 13.93 -17.81 16.61
N VAL C 66 13.63 -17.39 17.82
CA VAL C 66 14.49 -16.50 18.60
C VAL C 66 15.17 -17.34 19.68
N SER C 67 16.48 -17.18 19.81
CA SER C 67 17.26 -17.94 20.77
C SER C 67 18.04 -16.98 21.66
N GLY C 68 18.81 -17.54 22.59
CA GLY C 68 19.60 -16.75 23.51
C GLY C 68 18.88 -16.32 24.77
N PHE C 69 17.68 -16.84 25.01
CA PHE C 69 16.98 -16.52 26.24
C PHE C 69 17.78 -17.02 27.44
N PRO C 70 18.08 -16.17 28.42
CA PRO C 70 18.97 -16.57 29.52
C PRO C 70 18.29 -17.35 30.62
N SER C 71 17.00 -17.66 30.49
CA SER C 71 16.32 -18.56 31.42
C SER C 71 15.12 -19.17 30.71
N MET C 72 14.64 -20.28 31.29
CA MET C 72 13.39 -20.86 30.82
C MET C 72 12.23 -19.90 31.08
N VAL C 73 12.27 -19.18 32.19
CA VAL C 73 11.23 -18.20 32.49
C VAL C 73 11.22 -17.10 31.43
N ALA C 74 12.40 -16.56 31.11
CA ALA C 74 12.49 -15.49 30.12
C ALA C 74 11.90 -15.94 28.78
N ALA C 75 12.22 -17.15 28.35
CA ALA C 75 11.64 -17.68 27.11
C ALA C 75 10.14 -17.89 27.25
N LEU C 76 9.70 -18.41 28.40
CA LEU C 76 8.28 -18.69 28.59
C LEU C 76 7.46 -17.41 28.62
N LYS C 77 8.06 -16.29 29.01
CA LYS C 77 7.35 -15.02 29.01
C LYS C 77 7.32 -14.39 27.63
N PHE C 78 8.45 -14.45 26.91
CA PHE C 78 8.46 -14.02 25.52
C PHE C 78 7.49 -14.85 24.68
N GLN C 79 7.39 -16.14 24.97
CA GLN C 79 6.48 -17.01 24.23
C GLN C 79 5.02 -16.64 24.48
N TRP C 80 4.69 -16.24 25.71
CA TRP C 80 3.32 -15.84 26.01
C TRP C 80 2.97 -14.52 25.32
N ALA C 81 3.87 -13.53 25.40
CA ALA C 81 3.62 -12.25 24.75
C ALA C 81 3.51 -12.40 23.23
N LEU C 82 4.21 -13.37 22.66
CA LEU C 82 4.12 -13.60 21.21
C LEU C 82 2.87 -14.38 20.84
N THR C 83 2.41 -15.28 21.70
CA THR C 83 1.18 -16.02 21.44
C THR C 83 -0.06 -15.16 21.66
N ASN C 84 0.02 -14.21 22.60
CA ASN C 84 -1.13 -13.41 23.01
C ASN C 84 -0.82 -11.93 22.80
N PRO C 85 -0.71 -11.49 21.55
CA PRO C 85 -0.34 -10.09 21.30
C PRO C 85 -1.39 -9.11 21.77
N HIS C 86 -2.67 -9.50 21.75
CA HIS C 86 -3.76 -8.64 22.16
C HIS C 86 -3.83 -8.46 23.67
N LEU C 87 -3.15 -9.30 24.45
CA LEU C 87 -3.10 -9.15 25.89
C LEU C 87 -1.79 -8.58 26.41
N SER C 88 -0.70 -8.70 25.63
CA SER C 88 0.60 -8.24 26.09
C SER C 88 0.64 -6.72 26.12
N VAL C 89 0.81 -6.15 27.30
CA VAL C 89 0.94 -4.71 27.49
C VAL C 89 2.42 -4.38 27.57
N HIS C 90 2.92 -3.63 26.59
CA HIS C 90 4.34 -3.35 26.47
C HIS C 90 4.77 -2.08 27.19
N ILE C 91 3.85 -1.32 27.76
CA ILE C 91 4.22 -0.27 28.72
C ILE C 91 4.45 -0.92 30.07
N PRO C 92 5.62 -0.69 30.71
CA PRO C 92 5.88 -1.29 32.03
C PRO C 92 4.69 -1.13 32.96
N SER C 93 4.18 -2.25 33.47
CA SER C 93 2.89 -2.26 34.16
C SER C 93 2.97 -3.04 35.46
N ALA C 94 2.27 -2.54 36.48
CA ALA C 94 1.90 -3.32 37.64
C ALA C 94 0.70 -4.17 37.23
N SER C 95 0.95 -5.43 36.90
CA SER C 95 -0.08 -6.29 36.33
C SER C 95 -0.01 -7.67 36.97
N ARG C 96 -1.16 -8.19 37.37
CA ARG C 96 -1.27 -9.50 38.01
C ARG C 96 -0.40 -9.58 39.27
N PRO C 109 -7.00 -25.67 23.35
CA PRO C 109 -5.85 -25.50 22.46
C PRO C 109 -5.33 -24.07 22.42
N GLN C 110 -4.41 -23.80 21.50
CA GLN C 110 -3.91 -22.46 21.26
C GLN C 110 -4.65 -21.87 20.07
N ARG C 111 -5.08 -20.62 20.18
CA ARG C 111 -5.67 -19.95 19.03
C ARG C 111 -4.55 -19.56 18.07
N PRO C 112 -4.55 -20.05 16.84
CA PRO C 112 -3.44 -19.78 15.92
C PRO C 112 -3.34 -18.31 15.59
N PRO C 113 -2.17 -17.83 15.21
CA PRO C 113 -2.05 -16.45 14.75
C PRO C 113 -2.90 -16.21 13.51
N ARG C 114 -3.20 -14.93 13.29
CA ARG C 114 -4.02 -14.53 12.15
C ARG C 114 -3.29 -14.80 10.83
N SER C 115 -2.00 -14.50 10.78
CA SER C 115 -1.25 -14.58 9.53
C SER C 115 0.24 -14.58 9.86
N LEU C 116 1.05 -14.90 8.84
CA LEU C 116 2.49 -14.76 8.99
C LEU C 116 2.90 -13.30 9.13
N ALA C 117 2.17 -12.40 8.48
CA ALA C 117 2.50 -10.98 8.57
C ALA C 117 2.25 -10.42 9.97
N SER C 118 1.30 -11.01 10.71
CA SER C 118 1.04 -10.53 12.07
C SER C 118 2.07 -11.06 13.04
N VAL C 119 2.53 -12.30 12.86
CA VAL C 119 3.60 -12.85 13.68
C VAL C 119 4.87 -12.01 13.54
N VAL C 120 5.20 -11.64 12.31
CA VAL C 120 6.42 -10.86 12.06
C VAL C 120 6.32 -9.48 12.70
N ALA C 121 5.16 -8.83 12.56
CA ALA C 121 4.99 -7.49 13.13
C ALA C 121 5.04 -7.54 14.65
N ASN C 122 4.46 -8.56 15.26
CA ASN C 122 4.48 -8.69 16.71
C ASN C 122 5.85 -9.15 17.21
N LEU C 123 6.54 -10.00 16.45
CA LEU C 123 7.91 -10.34 16.80
C LEU C 123 8.81 -9.11 16.69
N HIS C 124 8.65 -8.34 15.61
CA HIS C 124 9.39 -7.09 15.48
C HIS C 124 9.07 -6.14 16.63
N LEU C 125 7.82 -6.10 17.08
CA LEU C 125 7.47 -5.26 18.21
C LEU C 125 8.12 -5.75 19.50
N LEU C 126 8.08 -7.07 19.74
CA LEU C 126 8.54 -7.62 21.02
C LEU C 126 10.03 -7.40 21.23
N LEU C 127 10.82 -7.42 20.16
CA LEU C 127 12.26 -7.23 20.28
C LEU C 127 12.65 -5.78 20.56
N ARG C 128 11.69 -4.85 20.59
CA ARG C 128 11.96 -3.45 20.86
C ARG C 128 11.31 -2.94 22.14
N VAL C 129 10.37 -3.65 22.72
CA VAL C 129 9.65 -3.18 23.90
C VAL C 129 10.57 -3.28 25.11
N PRO C 130 10.40 -2.44 26.13
CA PRO C 130 11.37 -2.40 27.24
C PRO C 130 11.52 -3.72 27.98
N SER C 131 10.48 -4.56 28.02
CA SER C 131 10.57 -5.82 28.74
C SER C 131 11.67 -6.70 28.18
N PHE C 132 11.82 -6.74 26.85
CA PHE C 132 12.73 -7.66 26.19
C PHE C 132 13.82 -6.95 25.39
N ALA C 133 13.92 -5.62 25.48
CA ALA C 133 14.79 -4.89 24.58
C ALA C 133 16.26 -5.25 24.76
N ARG C 134 16.69 -5.56 25.99
CA ARG C 134 18.10 -5.75 26.29
C ARG C 134 18.49 -7.20 26.52
N TRP C 135 17.61 -8.15 26.18
CA TRP C 135 17.94 -9.56 26.35
C TRP C 135 18.96 -9.99 25.29
N PRO C 136 19.87 -10.89 25.64
CA PRO C 136 20.92 -11.32 24.69
C PRO C 136 20.39 -12.28 23.63
N LEU C 137 19.43 -11.81 22.84
CA LEU C 137 18.70 -12.67 21.93
C LEU C 137 19.30 -12.65 20.53
N ARG C 138 18.70 -13.44 19.65
CA ARG C 138 19.13 -13.53 18.26
C ARG C 138 18.01 -14.21 17.47
N VAL C 139 17.69 -13.65 16.31
CA VAL C 139 16.63 -14.17 15.47
C VAL C 139 17.25 -15.00 14.34
N HIS C 140 16.62 -16.14 14.05
CA HIS C 140 17.05 -17.03 12.98
C HIS C 140 15.89 -17.22 12.01
N PHE C 141 16.20 -17.21 10.71
CA PHE C 141 15.21 -17.44 9.66
C PHE C 141 15.66 -18.60 8.78
N PHE C 142 14.79 -19.59 8.61
CA PHE C 142 15.14 -20.84 7.95
C PHE C 142 14.45 -21.06 6.62
N ARG C 143 13.55 -20.16 6.22
CA ARG C 143 12.87 -20.23 4.93
C ARG C 143 12.90 -18.85 4.28
N ARG C 144 13.05 -18.83 2.94
CA ARG C 144 13.23 -17.58 2.22
C ARG C 144 11.98 -16.69 2.28
N ASP C 145 10.79 -17.29 2.11
CA ASP C 145 9.58 -16.48 2.05
C ASP C 145 9.20 -15.91 3.41
N VAL C 146 9.52 -16.64 4.49
CA VAL C 146 9.29 -16.09 5.83
C VAL C 146 10.26 -14.94 6.11
N PHE C 147 11.54 -15.12 5.75
CA PHE C 147 12.52 -14.04 5.89
C PHE C 147 12.15 -12.84 5.02
N ALA C 148 11.47 -13.08 3.90
CA ALA C 148 11.07 -11.98 3.03
C ALA C 148 10.01 -11.12 3.68
N ALA C 149 9.00 -11.74 4.30
CA ALA C 149 7.98 -10.98 5.01
C ALA C 149 8.58 -10.19 6.16
N TRP C 150 9.60 -10.75 6.82
CA TRP C 150 10.29 -10.03 7.87
C TRP C 150 10.97 -8.78 7.33
N GLU C 151 11.78 -8.93 6.28
CA GLU C 151 12.46 -7.78 5.68
C GLU C 151 11.46 -6.76 5.14
N LYS C 152 10.32 -7.23 4.64
CA LYS C 152 9.31 -6.31 4.13
C LYS C 152 8.76 -5.43 5.24
N TRP C 153 8.53 -6.02 6.42
CA TRP C 153 8.04 -5.24 7.55
C TRP C 153 9.13 -4.33 8.11
N CYS C 154 10.37 -4.83 8.21
CA CYS C 154 11.47 -4.02 8.74
C CYS C 154 11.71 -2.78 7.89
N ALA C 155 11.55 -2.90 6.57
CA ALA C 155 11.82 -1.76 5.70
C ALA C 155 10.74 -0.71 5.80
N ALA C 156 9.50 -1.11 6.06
CA ALA C 156 8.42 -0.15 6.22
C ALA C 156 8.46 0.54 7.58
N ALA C 157 9.08 -0.07 8.58
CA ALA C 157 9.09 0.47 9.92
C ALA C 157 10.09 1.61 10.04
N SER C 158 9.77 2.58 10.92
CA SER C 158 10.64 3.72 11.16
C SER C 158 11.65 3.44 12.26
N GLU C 159 11.18 2.87 13.37
CA GLU C 159 12.06 2.54 14.49
C GLU C 159 12.82 1.26 14.17
N ARG C 160 14.12 1.37 13.98
CA ARG C 160 14.94 0.21 13.62
C ARG C 160 15.22 -0.66 14.85
N LEU C 161 15.75 -1.84 14.58
CA LEU C 161 16.17 -2.74 15.64
C LEU C 161 17.57 -2.38 16.12
N ARG C 162 17.86 -2.76 17.36
CA ARG C 162 19.20 -2.75 17.94
C ARG C 162 20.21 -3.27 16.91
N PRO C 163 21.30 -2.55 16.64
CA PRO C 163 22.42 -3.19 15.94
C PRO C 163 22.97 -4.37 16.71
N SER C 164 22.84 -4.37 18.04
CA SER C 164 23.32 -5.48 18.85
C SER C 164 22.57 -6.77 18.51
N LEU C 165 21.29 -6.67 18.17
CA LEU C 165 20.45 -7.85 17.96
C LEU C 165 20.76 -8.46 16.60
N ALA C 166 21.59 -9.50 16.59
CA ALA C 166 21.91 -10.19 15.35
C ALA C 166 20.70 -10.94 14.82
N VAL C 167 20.43 -10.80 13.52
CA VAL C 167 19.36 -11.51 12.83
C VAL C 167 20.02 -12.32 11.73
N VAL C 168 19.99 -13.64 11.86
CA VAL C 168 20.75 -14.53 10.99
C VAL C 168 19.79 -15.42 10.20
N THR C 169 20.29 -15.96 9.10
CA THR C 169 19.54 -16.85 8.23
C THR C 169 20.29 -18.16 8.06
N ASP C 170 19.55 -19.18 7.60
CA ASP C 170 20.14 -20.47 7.28
C ASP C 170 19.21 -21.20 6.33
N PHE C 171 19.28 -20.87 5.04
CA PHE C 171 18.44 -21.51 4.05
C PHE C 171 19.11 -22.77 3.51
N GLU C 172 18.28 -23.72 3.09
CA GLU C 172 18.80 -25.00 2.64
C GLU C 172 19.47 -24.87 1.27
N GLY C 173 20.72 -25.33 1.18
CA GLY C 173 21.42 -25.37 -0.09
C GLY C 173 22.72 -24.57 -0.12
N GLY C 174 23.57 -24.90 -1.08
CA GLY C 174 24.80 -24.16 -1.31
C GLY C 174 25.97 -24.58 -0.44
N CYS C 197 23.58 -30.61 7.24
CA CYS C 197 22.84 -30.17 8.41
C CYS C 197 22.62 -28.66 8.40
N TRP C 198 21.35 -28.24 8.41
CA TRP C 198 20.98 -26.84 8.35
C TRP C 198 19.75 -26.62 9.22
N GLY C 199 19.36 -25.35 9.36
CA GLY C 199 18.14 -25.03 10.08
C GLY C 199 18.28 -25.31 11.56
N ILE C 200 17.18 -25.80 12.16
CA ILE C 200 17.22 -26.14 13.58
C ILE C 200 18.16 -27.30 13.85
N HIS C 201 18.46 -28.10 12.83
CA HIS C 201 19.38 -29.23 12.97
C HIS C 201 20.84 -28.81 12.89
N ALA C 202 21.11 -27.54 12.62
CA ALA C 202 22.44 -26.97 12.71
C ALA C 202 22.64 -26.15 13.99
N LEU C 203 21.58 -25.97 14.77
CA LEU C 203 21.70 -25.26 16.03
C LEU C 203 22.31 -26.18 17.08
N PRO C 204 23.37 -25.76 17.77
CA PRO C 204 23.96 -26.61 18.80
C PRO C 204 23.09 -26.61 20.05
N LEU C 205 22.71 -27.79 20.50
CA LEU C 205 21.85 -27.96 21.66
C LEU C 205 22.63 -27.96 22.98
N ASP C 206 23.95 -27.85 22.94
CA ASP C 206 24.77 -27.93 24.15
C ASP C 206 25.74 -26.76 24.25
N TYR C 207 26.72 -26.86 25.15
CA TYR C 207 27.67 -25.79 25.42
C TYR C 207 28.94 -25.87 24.58
N GLU C 208 28.94 -26.68 23.52
CA GLU C 208 30.12 -26.79 22.66
C GLU C 208 30.58 -25.47 22.05
N PRO C 209 29.70 -24.56 21.61
CA PRO C 209 30.20 -23.31 21.00
C PRO C 209 31.07 -22.45 21.91
N ILE C 210 30.95 -22.57 23.24
CA ILE C 210 31.78 -21.79 24.17
C ILE C 210 32.85 -22.66 24.83
N LYS C 211 32.98 -23.92 24.40
CA LYS C 211 33.82 -24.89 25.12
C LYS C 211 35.26 -24.42 25.26
N ASP C 212 35.77 -23.72 24.25
CA ASP C 212 37.09 -23.13 24.35
C ASP C 212 37.14 -22.06 25.42
N TYR C 213 36.20 -21.11 25.36
CA TYR C 213 36.10 -20.06 26.36
C TYR C 213 35.99 -20.65 27.76
N VAL C 214 35.19 -21.70 27.93
CA VAL C 214 35.05 -22.32 29.25
C VAL C 214 36.36 -22.95 29.68
N ALA C 215 37.06 -23.62 28.76
CA ALA C 215 38.35 -24.22 29.09
C ALA C 215 39.34 -23.16 29.55
N LYS C 216 39.42 -22.05 28.82
CA LYS C 216 40.20 -20.89 29.27
C LYS C 216 39.80 -20.48 30.68
N GLY C 217 38.50 -20.51 30.98
CA GLY C 217 38.05 -20.07 32.29
C GLY C 217 38.47 -20.99 33.41
N GLN C 218 38.31 -22.29 33.22
CA GLN C 218 38.64 -23.25 34.27
C GLN C 218 40.11 -23.22 34.62
N GLU C 219 40.97 -23.05 33.62
CA GLU C 219 42.40 -23.07 33.87
C GLU C 219 42.87 -21.76 34.49
N ILE C 220 42.23 -20.63 34.16
CA ILE C 220 42.61 -19.36 34.76
C ILE C 220 42.30 -19.36 36.25
N PHE C 221 41.19 -19.96 36.64
CA PHE C 221 40.75 -19.89 38.03
C PHE C 221 41.22 -21.08 38.87
N GLU C 222 41.47 -22.24 38.25
CA GLU C 222 42.01 -23.36 39.00
C GLU C 222 43.46 -23.12 39.40
N PHE C 223 44.21 -22.40 38.57
CA PHE C 223 45.60 -22.05 38.86
C PHE C 223 45.75 -20.65 39.42
N GLU C 224 44.64 -19.97 39.74
CA GLU C 224 44.65 -18.66 40.39
C GLU C 224 45.44 -17.63 39.57
N ARG C 225 45.18 -17.60 38.26
CA ARG C 225 45.82 -16.68 37.34
C ARG C 225 44.92 -15.49 37.00
N GLN C 226 44.05 -15.10 37.93
CA GLN C 226 43.07 -14.06 37.70
C GLN C 226 43.61 -12.65 37.92
N GLY C 227 44.71 -12.52 38.67
CA GLY C 227 45.34 -11.21 38.81
C GLY C 227 44.42 -10.21 39.48
N ALA C 228 44.34 -9.02 38.89
CA ALA C 228 43.52 -7.94 39.41
C ALA C 228 42.40 -7.62 38.42
N CYS C 229 41.36 -6.97 38.94
CA CYS C 229 40.23 -6.58 38.11
C CYS C 229 40.70 -5.59 37.03
N VAL C 230 40.35 -5.89 35.78
CA VAL C 230 40.77 -5.04 34.66
C VAL C 230 40.17 -3.65 34.71
N VAL C 231 39.23 -3.41 35.62
CA VAL C 231 38.53 -2.13 35.72
C VAL C 231 38.97 -1.34 36.95
N CYS C 232 38.76 -1.88 38.15
CA CYS C 232 39.06 -1.12 39.36
C CYS C 232 40.49 -1.30 39.83
N ARG C 233 41.25 -2.23 39.23
CA ARG C 233 42.64 -2.53 39.54
C ARG C 233 42.83 -3.17 40.91
N GLU C 234 41.80 -3.84 41.44
CA GLU C 234 41.88 -4.45 42.75
C GLU C 234 42.17 -5.94 42.63
N GLU C 235 43.02 -6.45 43.52
CA GLU C 235 43.34 -7.87 43.52
C GLU C 235 42.08 -8.69 43.79
N MET C 236 41.98 -9.82 43.10
CA MET C 236 40.80 -10.69 43.19
C MET C 236 41.24 -12.04 43.73
N ALA C 237 41.15 -12.19 45.05
CA ALA C 237 41.47 -13.47 45.66
C ALA C 237 40.46 -14.53 45.23
N SER C 238 40.92 -15.78 45.19
CA SER C 238 40.06 -16.88 44.79
C SER C 238 38.89 -17.00 45.75
N GLY C 239 37.67 -16.96 45.20
CA GLY C 239 36.47 -17.10 45.99
C GLY C 239 35.88 -15.81 46.51
N ASP C 240 36.35 -14.65 46.02
CA ASP C 240 35.92 -13.35 46.55
C ASP C 240 34.94 -12.72 45.57
N GLY C 241 33.67 -13.10 45.71
CA GLY C 241 32.64 -12.54 44.88
C GLY C 241 32.68 -13.08 43.45
N LEU C 242 31.89 -12.44 42.61
CA LEU C 242 31.69 -12.89 41.25
C LEU C 242 32.69 -12.20 40.32
N GLN C 243 33.54 -13.00 39.69
CA GLN C 243 34.63 -12.52 38.85
C GLN C 243 34.38 -13.00 37.43
N ALA C 244 34.12 -12.07 36.51
CA ALA C 244 33.74 -12.38 35.14
C ALA C 244 34.95 -12.32 34.21
N LEU C 245 34.90 -13.11 33.14
CA LEU C 245 36.06 -13.34 32.28
C LEU C 245 35.80 -12.85 30.86
N CYS C 246 36.80 -12.16 30.29
CA CYS C 246 36.69 -11.68 28.92
C CYS C 246 36.51 -12.85 27.95
N THR C 247 35.60 -12.66 27.00
CA THR C 247 35.17 -13.75 26.11
C THR C 247 36.12 -13.98 24.94
N ASN C 248 37.03 -13.05 24.66
CA ASN C 248 37.92 -13.21 23.51
C ASN C 248 39.03 -14.20 23.82
N GLN C 249 39.33 -15.06 22.84
CA GLN C 249 40.33 -16.10 23.03
C GLN C 249 41.71 -15.50 23.16
N GLY C 250 42.55 -16.15 23.98
CA GLY C 250 43.89 -15.68 24.23
C GLY C 250 44.00 -14.51 25.18
N CYS C 251 42.90 -14.02 25.72
CA CYS C 251 42.91 -12.95 26.70
C CYS C 251 42.38 -13.46 28.04
N ASP C 252 43.04 -13.03 29.11
CA ASP C 252 42.79 -13.53 30.46
C ASP C 252 42.27 -12.43 31.39
N GLY C 253 41.61 -11.43 30.83
CA GLY C 253 41.13 -10.31 31.62
C GLY C 253 39.92 -10.64 32.47
N VAL C 254 40.06 -10.50 33.79
CA VAL C 254 39.01 -10.80 34.75
C VAL C 254 38.67 -9.54 35.54
N GLY C 255 37.42 -9.43 35.95
CA GLY C 255 36.99 -8.28 36.73
C GLY C 255 35.78 -8.62 37.58
N HIS C 256 35.58 -7.82 38.62
CA HIS C 256 34.37 -7.97 39.43
C HIS C 256 33.15 -7.76 38.54
N LEU C 257 32.14 -8.61 38.73
CA LEU C 257 30.94 -8.54 37.89
C LEU C 257 30.40 -7.12 37.85
N SER C 258 30.26 -6.49 39.02
CA SER C 258 29.70 -5.15 39.11
C SER C 258 30.60 -4.08 38.48
N CYS C 259 31.89 -4.39 38.30
CA CYS C 259 32.80 -3.48 37.61
C CYS C 259 32.71 -3.63 36.10
N TRP C 260 32.55 -4.87 35.64
CA TRP C 260 32.40 -5.12 34.21
C TRP C 260 31.16 -4.42 33.66
N SER C 261 30.08 -4.38 34.44
CA SER C 261 28.83 -3.79 33.97
C SER C 261 28.90 -2.27 33.98
N ARG C 262 29.52 -1.69 35.01
CA ARG C 262 29.74 -0.24 35.04
C ARG C 262 30.64 0.20 33.89
N HIS C 263 31.46 -0.70 33.35
CA HIS C 263 32.34 -0.37 32.25
C HIS C 263 31.60 -0.41 30.91
N PHE C 264 30.81 -1.45 30.69
CA PHE C 264 30.04 -1.56 29.46
C PHE C 264 29.03 -0.43 29.33
N LEU C 265 28.49 0.03 30.46
CA LEU C 265 27.47 1.07 30.47
C LEU C 265 28.05 2.48 30.54
N LYS C 266 29.38 2.62 30.52
CA LYS C 266 30.02 3.93 30.55
C LYS C 266 29.64 4.75 29.32
N ASP C 271 19.85 5.25 35.67
CA ASP C 271 19.70 4.99 34.24
C ASP C 271 19.59 3.50 33.94
N SER C 272 20.56 2.96 33.21
CA SER C 272 20.47 1.61 32.66
C SER C 272 21.14 0.59 33.57
N ILE C 273 20.62 -0.63 33.53
CA ILE C 273 21.05 -1.71 34.40
C ILE C 273 21.72 -2.82 33.62
N LEU C 274 21.03 -3.36 32.61
CA LEU C 274 21.49 -4.54 31.89
C LEU C 274 22.43 -4.13 30.77
N PRO C 275 23.70 -4.53 30.81
CA PRO C 275 24.59 -4.26 29.66
C PRO C 275 24.22 -5.12 28.47
N VAL C 276 24.71 -4.71 27.30
CA VAL C 276 24.42 -5.44 26.07
C VAL C 276 25.73 -5.82 25.38
N GLN C 277 26.38 -4.83 24.78
CA GLN C 277 27.66 -5.02 24.11
C GLN C 277 28.72 -4.17 24.81
N GLY C 278 29.97 -4.59 24.70
CA GLY C 278 31.05 -3.87 25.37
C GLY C 278 32.40 -4.30 24.85
N GLN C 279 33.41 -3.54 25.29
CA GLN C 279 34.79 -3.74 24.88
C GLN C 279 35.67 -4.02 26.09
N CYS C 280 36.54 -5.02 25.96
CA CYS C 280 37.46 -5.36 27.05
C CYS C 280 38.56 -4.30 27.15
N PRO C 281 38.80 -3.75 28.34
CA PRO C 281 39.87 -2.76 28.46
C PRO C 281 41.26 -3.36 28.32
N LYS C 282 41.41 -4.67 28.51
CA LYS C 282 42.72 -5.30 28.45
C LYS C 282 43.11 -5.66 27.03
N CYS C 283 42.26 -6.41 26.33
CA CYS C 283 42.55 -6.86 24.99
C CYS C 283 41.97 -5.97 23.90
N GLY C 284 41.08 -5.04 24.25
CA GLY C 284 40.45 -4.18 23.28
C GLY C 284 39.37 -4.82 22.43
N GLY C 285 39.02 -6.08 22.70
CA GLY C 285 38.05 -6.78 21.88
C GLY C 285 36.62 -6.53 22.30
N GLU C 286 35.71 -6.68 21.34
CA GLU C 286 34.28 -6.49 21.59
C GLU C 286 33.69 -7.73 22.23
N MET C 287 32.76 -7.51 23.15
CA MET C 287 32.13 -8.59 23.90
C MET C 287 30.62 -8.40 23.97
N GLU C 288 29.91 -9.52 23.95
CA GLU C 288 28.48 -9.54 24.26
C GLU C 288 28.32 -9.86 25.73
N TRP C 289 27.49 -9.06 26.42
CA TRP C 289 27.27 -9.30 27.85
C TRP C 289 26.64 -10.66 28.08
N GLY C 290 25.85 -11.16 27.13
CA GLY C 290 25.19 -12.44 27.31
C GLY C 290 26.18 -13.59 27.38
N ASN C 291 27.19 -13.59 26.52
CA ASN C 291 28.18 -14.67 26.53
C ASN C 291 29.01 -14.66 27.81
N MET C 292 29.33 -13.47 28.32
CA MET C 292 30.12 -13.39 29.54
C MET C 292 29.35 -13.94 30.74
N MET C 293 28.02 -13.81 30.73
CA MET C 293 27.21 -14.35 31.82
C MET C 293 27.02 -15.85 31.68
N LYS C 294 26.96 -16.36 30.45
CA LYS C 294 26.86 -17.80 30.25
C LYS C 294 28.04 -18.52 30.88
N GLU C 295 29.24 -17.99 30.71
CA GLU C 295 30.42 -18.64 31.29
C GLU C 295 30.46 -18.46 32.80
N LEU C 296 30.14 -17.27 33.28
CA LEU C 296 30.18 -17.00 34.72
C LEU C 296 29.22 -17.92 35.48
N THR C 297 27.97 -18.00 35.04
CA THR C 297 27.01 -18.88 35.70
C THR C 297 27.37 -20.35 35.51
N LEU C 298 28.03 -20.69 34.41
CA LEU C 298 28.47 -22.05 34.20
C LEU C 298 29.61 -22.42 35.15
N ARG C 299 30.51 -21.47 35.40
CA ARG C 299 31.62 -21.69 36.33
C ARG C 299 31.16 -21.65 37.77
N THR C 300 30.09 -20.91 38.06
CA THR C 300 29.66 -20.67 39.43
C THR C 300 28.52 -21.58 39.87
N ARG C 301 27.63 -21.95 38.96
CA ARG C 301 26.47 -22.75 39.31
C ARG C 301 26.35 -24.06 38.54
N GLY C 302 27.20 -24.29 37.54
CA GLY C 302 27.12 -25.52 36.76
C GLY C 302 28.45 -26.22 36.65
N GLN C 303 29.05 -26.56 37.79
CA GLN C 303 30.35 -27.21 37.79
C GLN C 303 30.30 -28.58 37.14
N LYS C 304 29.22 -29.33 37.39
CA LYS C 304 29.07 -30.63 36.74
C LYS C 304 28.84 -30.50 35.24
N GLU C 305 28.21 -29.41 34.80
CA GLU C 305 28.02 -29.19 33.36
C GLU C 305 29.35 -28.90 32.67
N VAL C 306 30.31 -28.33 33.41
CA VAL C 306 31.58 -27.95 32.81
C VAL C 306 32.45 -29.20 32.62
N GLU C 307 32.60 -30.00 33.66
CA GLU C 307 33.40 -31.22 33.57
C GLU C 307 32.90 -32.13 32.46
N LYS C 308 31.58 -32.19 32.24
CA LYS C 308 31.03 -32.97 31.13
C LYS C 308 31.38 -32.35 29.80
N LEU C 309 31.41 -31.01 29.72
CA LEU C 309 31.80 -30.35 28.48
C LEU C 309 33.26 -30.65 28.15
N LEU C 310 34.16 -30.42 29.11
CA LEU C 310 35.58 -30.72 28.91
C LEU C 310 35.88 -32.21 28.86
N LYS C 311 34.90 -33.05 29.19
CA LYS C 311 35.03 -34.51 29.11
C LYS C 311 36.22 -35.04 29.89
N ALA D 10 3.55 17.58 41.26
CA ALA D 10 4.34 16.66 40.46
C ALA D 10 3.49 16.03 39.36
N SER D 11 4.16 15.38 38.39
CA SER D 11 3.53 14.66 37.31
C SER D 11 3.48 13.16 37.61
N PRO D 12 2.43 12.46 37.17
CA PRO D 12 2.35 11.02 37.49
C PRO D 12 3.45 10.20 36.84
N THR D 13 3.94 10.60 35.67
CA THR D 13 5.10 9.97 35.07
C THR D 13 6.41 10.56 35.58
N ASP D 14 6.36 11.69 36.28
CA ASP D 14 7.55 12.25 36.92
C ASP D 14 7.73 11.75 38.34
N GLN D 15 6.63 11.48 39.06
CA GLN D 15 6.76 10.76 40.33
C GLN D 15 7.35 9.38 40.12
N GLN D 16 7.13 8.79 38.94
CA GLN D 16 7.72 7.50 38.62
C GLN D 16 9.21 7.64 38.32
N VAL D 17 9.57 8.57 37.43
CA VAL D 17 10.97 8.72 37.01
C VAL D 17 11.86 9.07 38.21
N SER D 18 11.30 9.75 39.21
CA SER D 18 12.06 10.03 40.42
C SER D 18 12.10 8.81 41.34
N LEU D 19 10.98 8.11 41.47
CA LEU D 19 10.96 6.88 42.26
C LEU D 19 11.92 5.84 41.69
N PHE D 20 11.95 5.72 40.36
CA PHE D 20 12.74 4.67 39.73
C PHE D 20 14.23 4.90 39.90
N ARG D 21 14.66 6.17 39.98
CA ARG D 21 16.06 6.44 40.24
C ARG D 21 16.44 6.13 41.68
N TYR D 22 15.47 6.17 42.60
CA TYR D 22 15.72 5.76 43.98
C TYR D 22 15.88 4.25 44.08
N ILE D 23 15.01 3.50 43.40
CA ILE D 23 15.14 2.04 43.36
C ILE D 23 16.44 1.64 42.69
N THR D 24 16.79 2.31 41.59
CA THR D 24 18.05 2.04 40.92
C THR D 24 19.22 2.29 41.86
N GLN D 25 19.26 3.47 42.49
CA GLN D 25 20.37 3.80 43.37
C GLN D 25 20.46 2.82 44.54
N ALA D 26 19.30 2.46 45.13
CA ALA D 26 19.31 1.48 46.20
C ALA D 26 19.85 0.14 45.72
N VAL D 27 19.58 -0.22 44.47
CA VAL D 27 19.97 -1.54 43.96
C VAL D 27 21.44 -1.58 43.57
N VAL D 28 21.95 -0.53 42.92
CA VAL D 28 23.31 -0.56 42.39
C VAL D 28 24.37 -0.15 43.42
N THR D 29 23.98 0.47 44.53
CA THR D 29 24.93 0.88 45.55
C THR D 29 25.04 -0.10 46.70
N ALA D 30 24.31 -1.20 46.67
CA ALA D 30 24.42 -2.21 47.71
C ALA D 30 25.73 -2.97 47.55
N PRO D 31 26.32 -3.45 48.66
CA PRO D 31 27.59 -4.16 48.58
C PRO D 31 27.50 -5.39 47.69
N ARG D 32 28.57 -5.63 46.93
CA ARG D 32 28.65 -6.82 46.11
C ARG D 32 28.96 -8.03 46.98
N ALA D 33 28.66 -9.21 46.46
CA ALA D 33 28.76 -10.43 47.24
C ALA D 33 30.21 -10.78 47.52
N LYS D 34 30.43 -11.38 48.69
CA LYS D 34 31.69 -12.03 49.00
C LYS D 34 31.64 -13.51 48.66
N ASP D 35 30.50 -14.14 48.89
CA ASP D 35 30.26 -15.50 48.44
C ASP D 35 29.60 -15.46 47.08
N PRO D 36 30.28 -15.84 46.00
CA PRO D 36 29.66 -15.79 44.67
C PRO D 36 28.38 -16.59 44.57
N ALA D 37 28.15 -17.51 45.50
CA ALA D 37 26.90 -18.26 45.56
C ALA D 37 25.77 -17.46 46.18
N ASN D 38 26.04 -16.23 46.64
CA ASN D 38 25.04 -15.39 47.29
C ASN D 38 25.04 -14.00 46.68
N PRO D 39 24.74 -13.90 45.38
CA PRO D 39 24.86 -12.60 44.70
C PRO D 39 23.87 -11.58 45.25
N SER D 40 24.28 -10.31 45.18
CA SER D 40 23.38 -9.23 45.53
C SER D 40 22.24 -9.16 44.51
N TRP D 41 21.23 -8.34 44.83
CA TRP D 41 20.13 -8.17 43.90
C TRP D 41 20.62 -7.59 42.58
N HIS D 42 21.63 -6.72 42.62
CA HIS D 42 22.19 -6.17 41.39
C HIS D 42 22.86 -7.25 40.56
N GLU D 43 23.68 -8.09 41.20
CA GLU D 43 24.37 -9.14 40.47
C GLU D 43 23.41 -10.21 39.96
N LYS D 44 22.31 -10.44 40.68
CA LYS D 44 21.29 -11.35 40.16
C LYS D 44 20.70 -10.83 38.86
N MET D 45 20.48 -9.51 38.77
CA MET D 45 20.01 -8.92 37.52
C MET D 45 21.08 -8.99 36.44
N LEU D 46 22.33 -8.71 36.81
CA LEU D 46 23.42 -8.74 35.83
C LEU D 46 23.59 -10.13 35.21
N MET D 47 23.28 -11.18 35.97
CA MET D 47 23.34 -12.56 35.48
C MET D 47 22.00 -13.06 34.97
N TYR D 48 21.03 -12.17 34.78
CA TYR D 48 19.69 -12.52 34.29
C TYR D 48 18.97 -13.50 35.19
N ASP D 49 19.23 -13.46 36.50
CA ASP D 49 18.41 -14.21 37.43
C ASP D 49 16.97 -13.71 37.35
N PRO D 50 15.99 -14.58 37.12
CA PRO D 50 14.59 -14.13 37.19
C PRO D 50 14.27 -13.60 38.58
N ILE D 51 13.75 -12.38 38.62
CA ILE D 51 13.56 -11.66 39.88
C ILE D 51 12.17 -11.97 40.43
N ILE D 52 12.13 -12.44 41.67
CA ILE D 52 10.87 -12.67 42.37
C ILE D 52 10.44 -11.35 43.01
N LEU D 53 9.28 -10.85 42.60
CA LEU D 53 8.92 -9.47 42.87
C LEU D 53 8.78 -9.21 44.36
N GLU D 54 8.11 -10.10 45.09
CA GLU D 54 7.86 -9.84 46.50
C GLU D 54 9.12 -9.94 47.34
N ASP D 55 10.17 -10.60 46.83
CA ASP D 55 11.44 -10.67 47.55
C ASP D 55 12.23 -9.37 47.40
N LEU D 56 12.35 -8.86 46.18
CA LEU D 56 13.03 -7.58 45.97
C LEU D 56 12.27 -6.45 46.62
N THR D 57 10.93 -6.49 46.56
CA THR D 57 10.12 -5.47 47.20
C THR D 57 10.38 -5.42 48.71
N ALA D 58 10.42 -6.59 49.35
CA ALA D 58 10.76 -6.63 50.77
C ALA D 58 12.15 -6.06 51.01
N TRP D 59 13.11 -6.35 50.13
CA TRP D 59 14.46 -5.83 50.32
C TRP D 59 14.49 -4.31 50.21
N LEU D 60 13.78 -3.75 49.23
CA LEU D 60 13.79 -2.30 49.06
C LEU D 60 13.11 -1.59 50.22
N ASN D 61 12.14 -2.25 50.86
CA ASN D 61 11.33 -1.62 51.89
C ASN D 61 11.83 -1.89 53.30
N SER D 62 13.06 -2.38 53.44
CA SER D 62 13.63 -2.71 54.75
C SER D 62 14.93 -1.95 54.99
N GLY D 63 14.99 -0.72 54.52
CA GLY D 63 16.10 0.18 54.81
C GLY D 63 16.83 0.67 53.58
N GLN D 64 16.70 -0.01 52.44
CA GLN D 64 17.47 0.37 51.26
C GLN D 64 16.96 1.65 50.63
N LEU D 65 15.64 1.85 50.60
CA LEU D 65 15.09 3.09 50.08
C LEU D 65 15.40 4.25 51.03
N ASP D 66 15.16 4.07 52.32
CA ASP D 66 15.51 5.09 53.31
C ASP D 66 17.01 5.37 53.30
N ARG D 67 17.83 4.36 52.97
CA ARG D 67 19.27 4.57 52.87
C ARG D 67 19.61 5.56 51.76
N VAL D 68 18.91 5.48 50.64
CA VAL D 68 19.21 6.32 49.49
C VAL D 68 18.33 7.58 49.46
N GLY D 69 17.73 7.94 50.58
CA GLY D 69 17.06 9.22 50.71
C GLY D 69 15.60 9.25 50.35
N TYR D 70 14.92 8.10 50.34
CA TYR D 70 13.51 8.04 49.97
C TYR D 70 12.73 7.50 51.17
N ASP D 71 11.96 8.36 51.80
CA ASP D 71 11.03 7.95 52.85
C ASP D 71 9.72 7.56 52.17
N GLY D 72 9.38 6.28 52.22
CA GLY D 72 8.21 5.78 51.54
C GLY D 72 8.34 4.33 51.12
N GLU D 73 7.26 3.57 51.25
CA GLU D 73 7.26 2.16 50.87
C GLU D 73 6.80 2.02 49.43
N VAL D 74 7.57 1.29 48.64
CA VAL D 74 7.25 1.07 47.23
C VAL D 74 6.37 -0.16 47.12
N ALA D 75 5.49 -0.16 46.11
CA ALA D 75 4.53 -1.24 45.90
C ALA D 75 5.14 -2.34 45.03
N PRO D 76 4.75 -3.60 45.26
CA PRO D 76 5.33 -4.69 44.46
C PRO D 76 5.17 -4.48 42.97
N GLY D 77 3.97 -4.11 42.52
CA GLY D 77 3.76 -3.81 41.12
C GLY D 77 4.54 -2.61 40.62
N ASP D 78 4.92 -1.69 41.51
CA ASP D 78 5.80 -0.61 41.12
C ASP D 78 7.23 -1.12 40.89
N VAL D 79 7.66 -2.09 41.70
CA VAL D 79 8.93 -2.76 41.42
C VAL D 79 8.84 -3.56 40.13
N LYS D 80 7.66 -4.09 39.81
CA LYS D 80 7.48 -4.80 38.55
C LYS D 80 7.62 -3.86 37.36
N LYS D 81 6.95 -2.71 37.41
CA LYS D 81 7.14 -1.68 36.40
C LYS D 81 8.62 -1.36 36.22
N TRP D 82 9.33 -1.23 37.34
CA TRP D 82 10.77 -0.92 37.29
C TRP D 82 11.53 -2.00 36.53
N CYS D 83 11.26 -3.27 36.84
CA CYS D 83 11.98 -4.34 36.15
C CYS D 83 11.66 -4.35 34.65
N GLU D 84 10.39 -4.20 34.28
CA GLU D 84 10.04 -4.19 32.86
C GLU D 84 10.73 -3.05 32.12
N SER D 85 10.81 -1.88 32.74
CA SER D 85 11.42 -0.73 32.07
C SER D 85 12.93 -0.89 31.91
N LYS D 86 13.57 -1.72 32.75
CA LYS D 86 15.01 -1.95 32.67
C LYS D 86 15.34 -3.26 31.97
N SER D 87 14.37 -3.90 31.33
CA SER D 87 14.54 -5.21 30.68
C SER D 87 14.95 -6.31 31.66
N VAL D 88 14.66 -6.10 32.95
CA VAL D 88 15.05 -7.04 33.99
C VAL D 88 13.95 -8.09 34.13
N CYS D 89 14.32 -9.36 34.00
CA CYS D 89 13.34 -10.44 34.10
C CYS D 89 12.78 -10.50 35.51
N CYS D 90 11.45 -10.53 35.61
CA CYS D 90 10.76 -10.52 36.89
C CYS D 90 9.61 -11.53 36.85
N LEU D 91 9.10 -11.87 38.03
CA LEU D 91 7.98 -12.80 38.14
C LEU D 91 7.40 -12.69 39.53
N TRP D 92 6.12 -13.05 39.65
CA TRP D 92 5.44 -13.08 40.93
C TRP D 92 5.71 -14.40 41.66
N ARG D 93 5.43 -14.40 42.96
CA ARG D 93 5.59 -15.61 43.75
C ARG D 93 4.23 -16.17 44.18
ZN ZN F . -26.91 34.68 -31.07
ZN ZN G . -34.04 26.54 -21.45
CA CA H . 0.95 40.59 -41.59
ZN ZN I . 36.70 -4.28 40.07
ZN ZN J . 39.93 -9.18 26.81
CA CA K . 22.47 -21.93 2.51
#